data_8AU8
#
_entry.id   8AU8
#
_cell.length_a   84.165
_cell.length_b   157.966
_cell.length_c   57.614
_cell.angle_alpha   90.000
_cell.angle_beta   90.000
_cell.angle_gamma   90.000
#
_symmetry.space_group_name_H-M   'P 21 21 2'
#
loop_
_entity.id
_entity.type
_entity.pdbx_description
1 polymer 'Xenobiotic reductase'
2 non-polymer 'FLAVIN MONONUCLEOTIDE'
3 non-polymer 'ethyl (2~{Z})-2-hydroxyimino-3-oxidanylidene-pentanoate'
4 non-polymer DI(HYDROXYETHYL)ETHER
5 non-polymer 'CHLORIDE ION'
6 non-polymer (4S)-2-METHYL-2,4-PENTANEDIOL
7 non-polymer 'TETRAETHYLENE GLYCOL'
8 water water
#
_entity_poly.entity_id   1
_entity_poly.type   'polypeptide(L)'
_entity_poly.pdbx_seq_one_letter_code
;MSALFEPYTLKDVTLRNRIAIPPMCQYMAEDGLINDWHQVHYASMARGGAGLLVVEATAVAPEGRITPGCAGIWSDAHAQ
AFVPVVQAIKAAGSVPGIQIAHAGRKASANRPWEGDDHIGADDARGWETIAPSAIAFGAHLPNVPRAMTLDDIARVKQDF
VDAARRARDAGFEWIELHFAHGYLGQSFFSEHSNKRTDAYGGSFDNRSRFLLETLAAVREVWPENLPLTARFGVLEYDGR
DEQTLEESIELARRFKAGGLDLLSVSVGFTIPETNIPWGPAFMGPIAERVRREAKLPVTSAWGFGTPQLAEAALQANQLD
LVSVGRAHLADPHWAYFAAKELGVEKASWTLPAPYAHWLERYRRPHHHHHH
;
_entity_poly.pdbx_strand_id   A,B
#
loop_
_chem_comp.id
_chem_comp.type
_chem_comp.name
_chem_comp.formula
CL non-polymer 'CHLORIDE ION' 'Cl -1'
FMN non-polymer 'FLAVIN MONONUCLEOTIDE' 'C17 H21 N4 O9 P'
MPD non-polymer (4S)-2-METHYL-2,4-PENTANEDIOL 'C6 H14 O2'
O8I non-polymer 'ethyl (2~{Z})-2-hydroxyimino-3-oxidanylidene-pentanoate' 'C7 H11 N O4'
PEG non-polymer DI(HYDROXYETHYL)ETHER 'C4 H10 O3'
PG4 non-polymer 'TETRAETHYLENE GLYCOL' 'C8 H18 O5'
#
# COMPACT_ATOMS: atom_id res chain seq x y z
N SER A 2 7.46 -24.41 -3.78
CA SER A 2 7.07 -23.87 -2.47
C SER A 2 5.59 -24.13 -2.18
N ALA A 3 5.33 -24.81 -1.06
CA ALA A 3 3.95 -25.08 -0.66
C ALA A 3 3.18 -23.78 -0.41
N LEU A 4 3.87 -22.74 0.08
CA LEU A 4 3.21 -21.47 0.38
C LEU A 4 2.57 -20.85 -0.86
N PHE A 5 3.08 -21.18 -2.05
CA PHE A 5 2.61 -20.55 -3.27
C PHE A 5 1.84 -21.52 -4.17
N GLU A 6 1.39 -22.64 -3.62
CA GLU A 6 0.42 -23.50 -4.32
C GLU A 6 -0.99 -22.94 -4.16
N PRO A 7 -1.81 -22.96 -5.21
CA PRO A 7 -3.20 -22.53 -5.08
C PRO A 7 -3.99 -23.46 -4.16
N TYR A 8 -5.12 -22.95 -3.71
CA TYR A 8 -6.02 -23.67 -2.80
C TYR A 8 -7.45 -23.46 -3.26
N THR A 9 -8.21 -24.55 -3.40
CA THR A 9 -9.62 -24.45 -3.81
C THR A 9 -10.51 -24.96 -2.68
N LEU A 10 -11.54 -24.18 -2.36
CA LEU A 10 -12.52 -24.56 -1.36
C LEU A 10 -13.89 -24.12 -1.87
N LYS A 11 -14.84 -25.06 -1.96
CA LYS A 11 -16.11 -24.81 -2.67
C LYS A 11 -15.74 -24.29 -4.06
N ASP A 12 -16.32 -23.19 -4.54
CA ASP A 12 -16.05 -22.70 -5.89
C ASP A 12 -14.97 -21.62 -5.91
N VAL A 13 -14.27 -21.39 -4.80
CA VAL A 13 -13.30 -20.30 -4.69
C VAL A 13 -11.90 -20.88 -4.78
N THR A 14 -11.06 -20.28 -5.62
CA THR A 14 -9.66 -20.68 -5.74
C THR A 14 -8.77 -19.50 -5.34
N LEU A 15 -7.91 -19.74 -4.36
CA LEU A 15 -6.91 -18.77 -3.92
C LEU A 15 -5.59 -19.04 -4.65
N ARG A 16 -4.91 -17.96 -5.04
CA ARG A 16 -3.71 -18.14 -5.86
C ARG A 16 -2.52 -18.65 -5.07
N ASN A 17 -2.55 -18.59 -3.75
CA ASN A 17 -1.49 -19.13 -2.90
C ASN A 17 -2.10 -19.41 -1.53
N ARG A 18 -1.26 -19.82 -0.58
CA ARG A 18 -1.73 -20.19 0.75
C ARG A 18 -1.56 -19.08 1.77
N ILE A 19 -1.26 -17.86 1.32
CA ILE A 19 -1.12 -16.72 2.23
C ILE A 19 -2.47 -16.06 2.42
N ALA A 20 -2.95 -16.04 3.64
CA ALA A 20 -4.18 -15.34 4.01
C ALA A 20 -3.82 -14.17 4.90
N ILE A 21 -4.43 -13.02 4.64
CA ILE A 21 -4.36 -11.89 5.56
C ILE A 21 -5.54 -12.03 6.52
N PRO A 22 -5.31 -12.26 7.81
CA PRO A 22 -6.40 -12.46 8.75
C PRO A 22 -7.06 -11.14 9.07
N PRO A 23 -8.26 -11.16 9.66
CA PRO A 23 -8.94 -9.91 10.01
C PRO A 23 -8.11 -9.09 10.98
N MET A 24 -7.94 -7.79 10.68
CA MET A 24 -7.21 -6.88 11.55
C MET A 24 -7.95 -5.55 11.65
N CYS A 25 -8.65 -5.34 12.76
CA CYS A 25 -9.31 -4.09 13.08
C CYS A 25 -8.38 -2.91 12.87
N GLN A 26 -8.91 -1.87 12.23
CA GLN A 26 -8.19 -0.64 11.96
C GLN A 26 -8.60 0.52 12.85
N TYR A 27 -9.78 0.43 13.48
CA TYR A 27 -10.29 1.44 14.41
C TYR A 27 -10.36 2.83 13.75
N MET A 28 -10.65 2.85 12.45
CA MET A 28 -10.71 4.11 11.72
C MET A 28 -12.09 4.41 11.12
N ALA A 29 -13.08 3.58 11.40
CA ALA A 29 -14.42 3.84 10.90
C ALA A 29 -15.13 4.88 11.76
N GLU A 30 -16.20 5.44 11.24
CA GLU A 30 -17.00 6.39 11.99
C GLU A 30 -18.46 5.98 11.85
N ASP A 31 -19.14 5.80 12.98
CA ASP A 31 -20.52 5.31 12.98
C ASP A 31 -20.63 4.02 12.18
N GLY A 32 -19.59 3.19 12.26
CA GLY A 32 -19.55 1.92 11.56
C GLY A 32 -19.17 1.99 10.09
N LEU A 33 -19.09 3.18 9.49
CA LEU A 33 -18.86 3.31 8.06
C LEU A 33 -17.37 3.36 7.78
N ILE A 34 -16.90 2.49 6.88
CA ILE A 34 -15.49 2.54 6.49
C ILE A 34 -15.27 3.71 5.54
N ASN A 35 -14.02 3.99 5.21
CA ASN A 35 -13.72 5.23 4.50
C ASN A 35 -12.38 5.07 3.77
N ASP A 36 -11.77 6.21 3.39
CA ASP A 36 -10.55 6.16 2.59
C ASP A 36 -9.41 5.46 3.30
N TRP A 37 -9.41 5.44 4.64
CA TRP A 37 -8.37 4.67 5.32
C TRP A 37 -8.42 3.23 4.84
N HIS A 38 -9.60 2.61 4.95
CA HIS A 38 -9.79 1.19 4.65
C HIS A 38 -9.58 0.91 3.17
N GLN A 39 -10.08 1.79 2.31
CA GLN A 39 -10.00 1.55 0.87
C GLN A 39 -8.55 1.35 0.44
N VAL A 40 -7.66 2.25 0.86
CA VAL A 40 -6.26 2.16 0.45
C VAL A 40 -5.57 1.01 1.20
N HIS A 41 -5.86 0.88 2.49
CA HIS A 41 -5.27 -0.18 3.30
C HIS A 41 -5.50 -1.55 2.67
N TYR A 42 -6.75 -1.85 2.34
CA TYR A 42 -7.09 -3.17 1.81
C TYR A 42 -6.62 -3.35 0.38
N ALA A 43 -6.75 -2.31 -0.46
CA ALA A 43 -6.32 -2.43 -1.85
C ALA A 43 -4.82 -2.66 -1.94
N SER A 44 -4.04 -1.93 -1.13
CA SER A 44 -2.59 -2.08 -1.18
C SER A 44 -2.15 -3.48 -0.77
N MET A 45 -2.73 -4.01 0.32
CA MET A 45 -2.37 -5.36 0.75
C MET A 45 -2.77 -6.40 -0.27
N ALA A 46 -3.93 -6.24 -0.91
CA ALA A 46 -4.36 -7.20 -1.93
C ALA A 46 -3.40 -7.19 -3.11
N ARG A 47 -2.91 -6.01 -3.49
CA ARG A 47 -1.93 -5.94 -4.56
C ARG A 47 -0.59 -6.54 -4.16
N GLY A 48 -0.33 -6.69 -2.87
CA GLY A 48 0.93 -7.25 -2.40
C GLY A 48 1.08 -8.73 -2.66
N GLY A 49 0.00 -9.42 -2.98
CA GLY A 49 0.06 -10.78 -3.48
C GLY A 49 -0.67 -11.81 -2.66
N ALA A 50 -1.17 -11.50 -1.47
CA ALA A 50 -1.85 -12.52 -0.68
C ALA A 50 -3.05 -13.07 -1.45
N GLY A 51 -3.28 -14.39 -1.32
CA GLY A 51 -4.38 -15.02 -2.04
C GLY A 51 -5.74 -14.79 -1.44
N LEU A 52 -5.80 -14.53 -0.14
CA LEU A 52 -7.06 -14.27 0.54
C LEU A 52 -6.87 -13.09 1.48
N LEU A 53 -7.84 -12.17 1.50
CA LEU A 53 -7.80 -11.02 2.40
C LEU A 53 -9.12 -11.00 3.16
N VAL A 54 -9.09 -11.37 4.44
CA VAL A 54 -10.28 -11.30 5.28
C VAL A 54 -10.36 -9.93 5.94
N VAL A 55 -11.39 -9.17 5.58
CA VAL A 55 -11.60 -7.86 6.17
C VAL A 55 -11.87 -7.99 7.68
N GLU A 56 -11.39 -6.99 8.42
CA GLU A 56 -11.48 -6.87 9.86
C GLU A 56 -12.87 -7.16 10.43
N ALA A 57 -12.90 -7.53 11.72
CA ALA A 57 -14.13 -7.72 12.49
C ALA A 57 -15.10 -6.59 12.24
N THR A 58 -16.26 -6.94 11.68
CA THR A 58 -17.26 -5.97 11.27
C THR A 58 -18.54 -6.27 12.04
N ALA A 59 -18.99 -5.30 12.83
CA ALA A 59 -20.02 -5.51 13.83
C ALA A 59 -21.38 -5.75 13.18
N VAL A 60 -22.08 -6.78 13.67
CA VAL A 60 -23.44 -7.05 13.20
C VAL A 60 -24.47 -6.11 13.79
N ALA A 61 -24.10 -5.34 14.81
CA ALA A 61 -25.00 -4.44 15.51
C ALA A 61 -24.15 -3.37 16.17
N PRO A 62 -24.68 -2.16 16.38
CA PRO A 62 -23.83 -1.08 16.92
C PRO A 62 -23.17 -1.42 18.25
N GLU A 63 -23.89 -2.06 19.17
CA GLU A 63 -23.33 -2.39 20.47
C GLU A 63 -22.33 -3.53 20.39
N GLY A 64 -22.21 -4.18 19.24
CA GLY A 64 -21.27 -5.25 19.00
C GLY A 64 -19.93 -4.79 18.47
N ARG A 65 -19.75 -3.50 18.23
CA ARG A 65 -18.42 -2.95 17.96
C ARG A 65 -17.56 -3.09 19.21
N ILE A 66 -16.24 -3.19 19.01
CA ILE A 66 -15.35 -3.05 20.15
C ILE A 66 -15.28 -1.59 20.58
N THR A 67 -15.02 -0.70 19.62
CA THR A 67 -14.71 0.71 19.86
C THR A 67 -15.57 1.60 18.98
N PRO A 68 -15.57 2.92 19.22
CA PRO A 68 -16.25 3.83 18.29
C PRO A 68 -15.59 3.89 16.92
N GLY A 69 -14.43 3.27 16.72
CA GLY A 69 -13.81 3.22 15.43
C GLY A 69 -14.01 1.95 14.64
N CYS A 70 -14.83 1.02 15.14
CA CYS A 70 -14.96 -0.28 14.50
C CYS A 70 -15.93 -0.23 13.32
N ALA A 71 -15.64 -1.05 12.32
CA ALA A 71 -16.52 -1.15 11.16
C ALA A 71 -17.81 -1.87 11.53
N GLY A 72 -18.87 -1.55 10.77
CA GLY A 72 -20.16 -2.17 11.00
C GLY A 72 -20.83 -2.55 9.70
N ILE A 73 -21.79 -3.47 9.80
CA ILE A 73 -22.54 -3.87 8.62
C ILE A 73 -24.00 -4.09 9.01
N TRP A 74 -24.49 -3.27 9.95
CA TRP A 74 -25.82 -3.46 10.52
C TRP A 74 -26.91 -2.73 9.73
N SER A 75 -26.57 -2.14 8.58
CA SER A 75 -27.56 -1.57 7.68
C SER A 75 -27.10 -1.80 6.25
N ASP A 76 -28.03 -1.66 5.31
CA ASP A 76 -27.67 -1.84 3.90
C ASP A 76 -26.67 -0.77 3.45
N ALA A 77 -26.79 0.45 3.97
CA ALA A 77 -25.84 1.50 3.61
C ALA A 77 -24.44 1.17 4.12
N HIS A 78 -24.34 0.55 5.29
CA HIS A 78 -23.04 0.10 5.77
C HIS A 78 -22.45 -0.94 4.83
N ALA A 79 -23.29 -1.85 4.33
CA ALA A 79 -22.83 -2.90 3.43
C ALA A 79 -22.34 -2.31 2.11
N GLN A 80 -23.07 -1.33 1.58
CA GLN A 80 -22.69 -0.75 0.29
C GLN A 80 -21.33 -0.06 0.37
N ALA A 81 -20.95 0.44 1.55
CA ALA A 81 -19.63 1.04 1.69
C ALA A 81 -18.50 0.04 1.50
N PHE A 82 -18.78 -1.26 1.64
CA PHE A 82 -17.73 -2.26 1.41
C PHE A 82 -17.56 -2.60 -0.06
N VAL A 83 -18.51 -2.21 -0.91
CA VAL A 83 -18.44 -2.63 -2.32
C VAL A 83 -17.13 -2.22 -2.98
N PRO A 84 -16.65 -0.97 -2.86
CA PRO A 84 -15.36 -0.64 -3.50
C PRO A 84 -14.18 -1.38 -2.89
N VAL A 85 -14.27 -1.85 -1.65
CA VAL A 85 -13.21 -2.66 -1.06
C VAL A 85 -13.20 -4.05 -1.69
N VAL A 86 -14.38 -4.67 -1.79
CA VAL A 86 -14.53 -5.93 -2.50
C VAL A 86 -13.96 -5.82 -3.92
N GLN A 87 -14.36 -4.75 -4.63
N GLN A 87 -14.33 -4.76 -4.63
CA GLN A 87 -13.92 -4.57 -6.01
CA GLN A 87 -13.90 -4.66 -6.02
C GLN A 87 -12.40 -4.48 -6.10
C GLN A 87 -12.39 -4.46 -6.13
N ALA A 88 -11.80 -3.70 -5.20
CA ALA A 88 -10.35 -3.50 -5.25
C ALA A 88 -9.60 -4.78 -4.93
N ILE A 89 -10.11 -5.58 -3.99
CA ILE A 89 -9.44 -6.82 -3.64
C ILE A 89 -9.50 -7.79 -4.83
N LYS A 90 -10.68 -7.92 -5.45
N LYS A 90 -10.67 -7.91 -5.45
CA LYS A 90 -10.81 -8.78 -6.63
CA LYS A 90 -10.81 -8.78 -6.63
C LYS A 90 -9.96 -8.28 -7.79
C LYS A 90 -9.95 -8.28 -7.78
N ALA A 91 -9.96 -6.96 -8.03
CA ALA A 91 -9.16 -6.43 -9.13
C ALA A 91 -7.69 -6.75 -8.96
N ALA A 92 -7.22 -6.85 -7.73
CA ALA A 92 -5.84 -7.22 -7.49
C ALA A 92 -5.57 -8.71 -7.63
N GLY A 93 -6.58 -9.53 -7.87
CA GLY A 93 -6.39 -10.96 -7.98
C GLY A 93 -6.48 -11.72 -6.68
N SER A 94 -6.84 -11.05 -5.60
CA SER A 94 -7.03 -11.70 -4.30
C SER A 94 -8.51 -11.98 -4.11
N VAL A 95 -8.82 -12.79 -3.10
CA VAL A 95 -10.18 -13.19 -2.79
C VAL A 95 -10.66 -12.38 -1.60
N PRO A 96 -11.79 -11.67 -1.70
CA PRO A 96 -12.27 -10.86 -0.57
C PRO A 96 -13.11 -11.68 0.40
N GLY A 97 -12.67 -11.68 1.67
CA GLY A 97 -13.45 -12.25 2.75
C GLY A 97 -13.78 -11.17 3.77
N ILE A 98 -14.72 -11.48 4.67
CA ILE A 98 -15.05 -10.58 5.77
C ILE A 98 -15.37 -11.39 7.01
N GLN A 99 -14.93 -10.89 8.15
CA GLN A 99 -15.24 -11.43 9.47
C GLN A 99 -16.37 -10.61 10.08
N ILE A 100 -17.51 -11.26 10.38
CA ILE A 100 -18.63 -10.57 11.02
C ILE A 100 -18.64 -10.96 12.49
N ALA A 101 -18.97 -9.98 13.34
CA ALA A 101 -18.54 -10.06 14.74
C ALA A 101 -19.54 -9.40 15.67
N HIS A 102 -19.43 -9.75 16.95
CA HIS A 102 -20.11 -9.06 18.03
C HIS A 102 -19.24 -9.12 19.27
N ALA A 103 -18.83 -7.96 19.78
CA ALA A 103 -17.80 -7.91 20.81
C ALA A 103 -18.27 -8.38 22.18
N GLY A 104 -19.57 -8.54 22.40
CA GLY A 104 -20.00 -9.03 23.71
C GLY A 104 -19.53 -8.12 24.84
N ARG A 105 -19.00 -8.72 25.90
CA ARG A 105 -18.65 -7.94 27.08
C ARG A 105 -17.37 -7.14 26.89
N LYS A 106 -16.60 -7.38 25.83
CA LYS A 106 -15.42 -6.58 25.55
C LYS A 106 -15.75 -5.33 24.72
N ALA A 107 -17.03 -5.08 24.47
CA ALA A 107 -17.44 -3.91 23.70
C ALA A 107 -17.36 -2.62 24.52
N SER A 108 -17.58 -1.50 23.83
CA SER A 108 -17.59 -0.15 24.42
C SER A 108 -16.23 0.17 25.05
N ALA A 109 -15.17 0.05 24.24
CA ALA A 109 -13.82 0.27 24.69
C ALA A 109 -13.14 1.34 23.85
N ASN A 110 -12.10 1.94 24.42
CA ASN A 110 -11.28 2.90 23.70
C ASN A 110 -10.42 2.22 22.65
N ARG A 111 -10.05 2.99 21.62
N ARG A 111 -10.05 2.99 21.62
CA ARG A 111 -9.09 2.51 20.64
CA ARG A 111 -9.09 2.52 20.64
C ARG A 111 -7.79 2.11 21.35
C ARG A 111 -7.78 2.12 21.34
N PRO A 112 -7.04 1.16 20.79
CA PRO A 112 -5.88 0.63 21.52
C PRO A 112 -4.81 1.67 21.83
N TRP A 113 -4.59 2.65 20.95
CA TRP A 113 -3.63 3.71 21.23
C TRP A 113 -4.26 4.89 21.96
N GLU A 114 -5.49 4.73 22.44
CA GLU A 114 -6.16 5.76 23.22
C GLU A 114 -6.64 5.18 24.55
N GLY A 115 -5.85 4.27 25.12
CA GLY A 115 -6.12 3.71 26.45
C GLY A 115 -6.44 2.23 26.43
N ASP A 116 -7.10 1.75 25.39
CA ASP A 116 -7.40 0.34 25.18
C ASP A 116 -8.34 -0.24 26.23
N ASP A 117 -8.95 0.61 27.06
CA ASP A 117 -9.74 0.16 28.20
C ASP A 117 -11.21 0.48 27.99
N HIS A 118 -12.05 -0.08 28.86
CA HIS A 118 -13.48 0.21 28.78
C HIS A 118 -13.72 1.71 28.92
N ILE A 119 -14.65 2.21 28.12
CA ILE A 119 -15.05 3.60 28.21
C ILE A 119 -15.78 3.82 29.53
N GLY A 120 -15.38 4.86 30.25
CA GLY A 120 -16.02 5.14 31.52
C GLY A 120 -17.47 5.54 31.37
N ALA A 121 -18.25 5.32 32.44
CA ALA A 121 -19.68 5.57 32.39
C ALA A 121 -20.00 7.05 32.23
N ASP A 122 -19.07 7.95 32.58
CA ASP A 122 -19.28 9.37 32.39
C ASP A 122 -19.14 9.80 30.93
N ASP A 123 -18.48 8.99 30.11
CA ASP A 123 -18.12 9.36 28.74
C ASP A 123 -19.27 9.00 27.81
N ALA A 124 -19.79 10.01 27.10
CA ALA A 124 -20.95 9.81 26.23
C ALA A 124 -20.66 8.91 25.04
N ARG A 125 -19.39 8.58 24.77
CA ARG A 125 -19.12 7.69 23.64
C ARG A 125 -19.47 6.24 23.94
N GLY A 126 -19.65 5.89 25.23
CA GLY A 126 -19.83 4.50 25.61
C GLY A 126 -21.26 4.02 25.44
N TRP A 127 -21.44 2.70 25.57
CA TRP A 127 -22.76 2.10 25.48
C TRP A 127 -22.81 0.88 26.39
N GLU A 128 -24.03 0.43 26.69
CA GLU A 128 -24.19 -0.78 27.48
C GLU A 128 -23.82 -2.00 26.66
N THR A 129 -23.08 -2.92 27.27
CA THR A 129 -22.67 -4.15 26.63
C THR A 129 -23.59 -5.31 27.02
N ILE A 130 -23.60 -6.34 26.18
CA ILE A 130 -24.42 -7.52 26.43
C ILE A 130 -23.54 -8.76 26.33
N ALA A 131 -23.97 -9.83 27.03
CA ALA A 131 -23.18 -11.04 27.14
C ALA A 131 -24.07 -12.17 27.66
N PRO A 132 -23.61 -13.43 27.63
CA PRO A 132 -24.45 -14.50 28.21
C PRO A 132 -24.80 -14.26 29.67
N SER A 133 -23.88 -13.73 30.46
CA SER A 133 -24.09 -13.53 31.88
C SER A 133 -23.48 -12.22 32.33
N ALA A 134 -24.01 -11.68 33.42
CA ALA A 134 -23.61 -10.38 33.95
C ALA A 134 -22.32 -10.53 34.78
N ILE A 135 -21.22 -10.79 34.08
N ILE A 135 -21.22 -10.79 34.07
CA ILE A 135 -19.92 -10.96 34.71
CA ILE A 135 -19.91 -10.97 34.66
C ILE A 135 -18.85 -10.28 33.86
C ILE A 135 -18.89 -10.20 33.82
N ALA A 136 -18.06 -9.42 34.48
CA ALA A 136 -17.05 -8.64 33.78
C ALA A 136 -15.82 -9.49 33.42
N PHE A 137 -15.21 -9.14 32.28
CA PHE A 137 -13.88 -9.67 31.96
C PHE A 137 -12.90 -9.43 33.09
N GLY A 138 -12.85 -8.21 33.60
CA GLY A 138 -11.86 -7.81 34.59
C GLY A 138 -10.74 -6.99 33.98
N ALA A 139 -9.66 -6.83 34.76
CA ALA A 139 -8.50 -6.07 34.31
C ALA A 139 -8.93 -4.73 33.71
N HIS A 140 -8.49 -4.45 32.48
CA HIS A 140 -8.79 -3.19 31.81
C HIS A 140 -10.19 -3.13 31.23
N LEU A 141 -10.98 -4.19 31.39
CA LEU A 141 -12.35 -4.25 30.89
C LEU A 141 -13.29 -4.58 32.05
N PRO A 142 -13.44 -3.65 33.00
CA PRO A 142 -14.20 -3.95 34.21
C PRO A 142 -15.71 -3.81 34.08
N ASN A 143 -16.21 -3.22 33.00
CA ASN A 143 -17.65 -3.00 32.88
C ASN A 143 -18.42 -4.32 32.90
N VAL A 144 -19.48 -4.37 33.69
CA VAL A 144 -20.30 -5.57 33.80
C VAL A 144 -21.35 -5.57 32.70
N PRO A 145 -21.38 -6.57 31.83
CA PRO A 145 -22.38 -6.61 30.78
C PRO A 145 -23.76 -6.95 31.33
N ARG A 146 -24.78 -6.61 30.54
CA ARG A 146 -26.14 -7.07 30.83
C ARG A 146 -26.32 -8.48 30.28
N ALA A 147 -26.90 -9.36 31.07
CA ALA A 147 -27.16 -10.72 30.61
C ALA A 147 -28.28 -10.70 29.56
N MET A 148 -28.04 -11.37 28.44
CA MET A 148 -28.98 -11.33 27.32
C MET A 148 -30.29 -12.04 27.66
N THR A 149 -31.39 -11.47 27.16
CA THR A 149 -32.68 -12.14 27.20
C THR A 149 -32.80 -13.12 26.05
N LEU A 150 -33.83 -13.97 26.10
CA LEU A 150 -34.11 -14.83 24.96
C LEU A 150 -34.37 -14.01 23.71
N ASP A 151 -35.07 -12.88 23.86
CA ASP A 151 -35.29 -12.01 22.71
C ASP A 151 -33.97 -11.43 22.19
N ASP A 152 -33.05 -11.07 23.11
CA ASP A 152 -31.73 -10.61 22.68
C ASP A 152 -31.03 -11.68 21.85
N ILE A 153 -31.11 -12.94 22.28
CA ILE A 153 -30.44 -14.03 21.56
C ILE A 153 -31.03 -14.18 20.17
N ALA A 154 -32.36 -14.15 20.05
CA ALA A 154 -32.98 -14.19 18.74
C ALA A 154 -32.53 -13.00 17.87
N ARG A 155 -32.48 -11.81 18.46
CA ARG A 155 -32.13 -10.60 17.70
C ARG A 155 -30.70 -10.66 17.18
N VAL A 156 -29.75 -11.04 18.05
CA VAL A 156 -28.37 -11.08 17.62
C VAL A 156 -28.17 -12.14 16.54
N LYS A 157 -28.83 -13.29 16.66
CA LYS A 157 -28.76 -14.29 15.61
C LYS A 157 -29.24 -13.71 14.28
N GLN A 158 -30.37 -13.01 14.32
CA GLN A 158 -30.88 -12.40 13.09
C GLN A 158 -29.92 -11.33 12.57
N ASP A 159 -29.24 -10.61 13.47
CA ASP A 159 -28.25 -9.63 13.04
C ASP A 159 -27.10 -10.31 12.30
N PHE A 160 -26.65 -11.47 12.77
CA PHE A 160 -25.63 -12.23 12.04
C PHE A 160 -26.14 -12.65 10.67
N VAL A 161 -27.40 -13.10 10.59
CA VAL A 161 -27.98 -13.46 9.29
C VAL A 161 -28.00 -12.26 8.36
N ASP A 162 -28.50 -11.12 8.85
CA ASP A 162 -28.56 -9.93 8.00
C ASP A 162 -27.16 -9.49 7.57
N ALA A 163 -26.17 -9.58 8.46
CA ALA A 163 -24.80 -9.24 8.11
C ALA A 163 -24.27 -10.16 7.02
N ALA A 164 -24.55 -11.46 7.12
CA ALA A 164 -24.10 -12.39 6.10
C ALA A 164 -24.82 -12.15 4.77
N ARG A 165 -26.12 -11.84 4.84
N ARG A 165 -26.11 -11.83 4.85
CA ARG A 165 -26.87 -11.48 3.64
CA ARG A 165 -26.87 -11.48 3.65
C ARG A 165 -26.24 -10.28 2.96
C ARG A 165 -26.27 -10.27 2.95
N ARG A 166 -25.94 -9.23 3.73
CA ARG A 166 -25.32 -8.04 3.17
C ARG A 166 -23.92 -8.34 2.62
N ALA A 167 -23.13 -9.15 3.34
CA ALA A 167 -21.80 -9.48 2.84
C ALA A 167 -21.90 -10.21 1.51
N ARG A 168 -22.85 -11.12 1.40
CA ARG A 168 -23.10 -11.83 0.14
C ARG A 168 -23.43 -10.87 -0.98
N ASP A 169 -24.42 -10.00 -0.76
CA ASP A 169 -24.87 -9.10 -1.82
C ASP A 169 -23.79 -8.07 -2.17
N ALA A 170 -22.88 -7.78 -1.24
CA ALA A 170 -21.78 -6.86 -1.52
C ALA A 170 -20.65 -7.49 -2.32
N GLY A 171 -20.66 -8.82 -2.49
CA GLY A 171 -19.69 -9.48 -3.34
C GLY A 171 -18.58 -10.20 -2.61
N PHE A 172 -18.62 -10.26 -1.28
CA PHE A 172 -17.62 -11.07 -0.57
C PHE A 172 -17.77 -12.53 -0.99
N GLU A 173 -16.63 -13.21 -1.11
CA GLU A 173 -16.60 -14.60 -1.57
C GLU A 173 -16.22 -15.58 -0.46
N TRP A 174 -16.19 -15.10 0.78
CA TRP A 174 -15.64 -15.86 1.90
C TRP A 174 -16.12 -15.15 3.15
N ILE A 175 -16.69 -15.89 4.09
N ILE A 175 -16.72 -15.88 4.08
CA ILE A 175 -17.24 -15.32 5.31
CA ILE A 175 -17.20 -15.27 5.30
C ILE A 175 -16.60 -16.03 6.50
C ILE A 175 -16.63 -16.02 6.49
N GLU A 176 -16.37 -15.28 7.57
CA GLU A 176 -15.80 -15.83 8.80
C GLU A 176 -16.64 -15.34 9.98
N LEU A 177 -17.27 -16.26 10.69
CA LEU A 177 -18.00 -15.91 11.90
C LEU A 177 -17.01 -15.78 13.04
N HIS A 178 -17.07 -14.66 13.77
CA HIS A 178 -16.07 -14.39 14.81
C HIS A 178 -16.51 -15.02 16.13
N PHE A 179 -16.17 -16.29 16.31
CA PHE A 179 -16.49 -17.00 17.54
C PHE A 179 -15.27 -17.12 18.46
N ALA A 180 -14.31 -16.20 18.38
CA ALA A 180 -13.06 -16.36 19.12
C ALA A 180 -12.77 -15.13 19.98
N HIS A 181 -11.66 -15.18 20.72
CA HIS A 181 -11.03 -14.02 21.33
C HIS A 181 -11.87 -13.36 22.41
N GLY A 182 -12.77 -14.12 23.05
CA GLY A 182 -13.46 -13.64 24.21
C GLY A 182 -14.67 -12.78 23.93
N TYR A 183 -15.02 -12.60 22.67
CA TYR A 183 -16.18 -11.80 22.29
C TYR A 183 -17.44 -12.66 22.45
N LEU A 184 -18.55 -12.24 21.86
CA LEU A 184 -19.84 -12.81 22.25
C LEU A 184 -19.89 -14.32 22.08
N GLY A 185 -19.56 -14.81 20.87
CA GLY A 185 -19.66 -16.24 20.63
C GLY A 185 -18.74 -17.05 21.53
N GLN A 186 -17.46 -16.65 21.63
CA GLN A 186 -16.55 -17.35 22.54
C GLN A 186 -17.11 -17.37 23.95
N SER A 187 -17.71 -16.26 24.41
CA SER A 187 -18.17 -16.20 25.78
C SER A 187 -19.39 -17.06 26.03
N PHE A 188 -20.17 -17.38 25.00
CA PHE A 188 -21.22 -18.37 25.20
C PHE A 188 -20.64 -19.76 25.43
N PHE A 189 -19.53 -20.08 24.76
CA PHE A 189 -18.99 -21.43 24.87
C PHE A 189 -18.28 -21.66 26.21
N SER A 190 -17.60 -20.65 26.73
CA SER A 190 -16.73 -20.83 27.89
C SER A 190 -17.51 -20.84 29.19
N GLU A 191 -17.23 -21.83 30.04
CA GLU A 191 -17.82 -21.86 31.38
C GLU A 191 -17.36 -20.69 32.24
N HIS A 192 -16.21 -20.07 31.91
CA HIS A 192 -15.76 -18.90 32.66
C HIS A 192 -16.78 -17.78 32.61
N SER A 193 -17.41 -17.59 31.45
CA SER A 193 -18.22 -16.42 31.20
C SER A 193 -19.71 -16.73 31.09
N ASN A 194 -20.07 -17.99 30.87
CA ASN A 194 -21.45 -18.40 30.69
C ASN A 194 -21.91 -19.11 31.95
N LYS A 195 -22.75 -18.43 32.74
CA LYS A 195 -23.38 -19.01 33.92
C LYS A 195 -24.89 -19.18 33.72
N ARG A 196 -25.35 -19.22 32.48
CA ARG A 196 -26.78 -19.28 32.23
C ARG A 196 -27.37 -20.60 32.73
N THR A 197 -28.64 -20.54 33.11
CA THR A 197 -29.38 -21.72 33.56
C THR A 197 -30.50 -22.12 32.59
N ASP A 198 -30.57 -21.49 31.43
CA ASP A 198 -31.58 -21.83 30.43
C ASP A 198 -30.94 -22.72 29.36
N ALA A 199 -31.56 -22.77 28.18
CA ALA A 199 -31.07 -23.66 27.14
C ALA A 199 -29.72 -23.24 26.57
N TYR A 200 -29.20 -22.08 26.96
CA TYR A 200 -27.96 -21.55 26.37
C TYR A 200 -26.78 -21.58 27.32
N GLY A 201 -26.91 -22.26 28.46
CA GLY A 201 -25.80 -22.40 29.38
C GLY A 201 -25.89 -23.72 30.13
N GLY A 202 -24.77 -24.06 30.78
CA GLY A 202 -24.70 -25.29 31.54
C GLY A 202 -23.93 -26.37 30.82
N SER A 203 -24.66 -27.31 30.23
CA SER A 203 -24.06 -28.45 29.55
C SER A 203 -23.28 -28.01 28.33
N PHE A 204 -22.50 -28.95 27.79
CA PHE A 204 -21.79 -28.73 26.54
C PHE A 204 -22.75 -28.42 25.39
N ASP A 205 -23.83 -29.20 25.26
CA ASP A 205 -24.84 -28.91 24.25
C ASP A 205 -25.38 -27.49 24.38
N ASN A 206 -25.65 -27.06 25.62
CA ASN A 206 -26.26 -25.76 25.81
C ASN A 206 -25.28 -24.62 25.53
N ARG A 207 -24.03 -24.77 25.99
CA ARG A 207 -23.02 -23.75 25.74
C ARG A 207 -22.67 -23.66 24.26
N SER A 208 -22.80 -24.79 23.54
CA SER A 208 -22.58 -24.82 22.10
C SER A 208 -23.74 -24.21 21.31
N ARG A 209 -24.92 -24.10 21.93
CA ARG A 209 -26.16 -23.84 21.20
C ARG A 209 -26.14 -22.51 20.45
N PHE A 210 -25.69 -21.43 21.10
CA PHE A 210 -25.69 -20.13 20.42
C PHE A 210 -24.83 -20.18 19.17
N LEU A 211 -23.67 -20.84 19.25
CA LEU A 211 -22.76 -20.88 18.11
C LEU A 211 -23.33 -21.75 16.99
N LEU A 212 -23.89 -22.91 17.34
CA LEU A 212 -24.45 -23.80 16.31
C LEU A 212 -25.70 -23.20 15.67
N GLU A 213 -26.57 -22.58 16.47
CA GLU A 213 -27.75 -21.95 15.90
C GLU A 213 -27.39 -20.75 15.04
N THR A 214 -26.36 -19.99 15.43
CA THR A 214 -25.96 -18.86 14.59
C THR A 214 -25.38 -19.37 13.27
N LEU A 215 -24.54 -20.41 13.34
CA LEU A 215 -23.99 -21.01 12.12
C LEU A 215 -25.11 -21.52 11.22
N ALA A 216 -26.10 -22.19 11.80
CA ALA A 216 -27.21 -22.72 11.01
C ALA A 216 -28.01 -21.59 10.36
N ALA A 217 -28.25 -20.51 11.11
CA ALA A 217 -29.05 -19.42 10.56
C ALA A 217 -28.32 -18.72 9.43
N VAL A 218 -27.01 -18.53 9.58
CA VAL A 218 -26.20 -17.93 8.53
C VAL A 218 -26.14 -18.86 7.32
N ARG A 219 -26.07 -20.17 7.55
N ARG A 219 -26.07 -20.17 7.55
CA ARG A 219 -25.98 -21.12 6.45
CA ARG A 219 -25.99 -21.14 6.46
C ARG A 219 -27.17 -20.99 5.50
C ARG A 219 -27.17 -20.97 5.51
N GLU A 220 -28.34 -20.57 6.04
CA GLU A 220 -29.53 -20.47 5.21
C GLU A 220 -29.41 -19.39 4.13
N VAL A 221 -28.65 -18.32 4.40
CA VAL A 221 -28.55 -17.19 3.47
C VAL A 221 -27.21 -17.12 2.77
N TRP A 222 -26.21 -17.85 3.22
CA TRP A 222 -24.89 -17.79 2.63
C TRP A 222 -24.77 -18.84 1.53
N PRO A 223 -24.28 -18.45 0.34
CA PRO A 223 -24.30 -19.40 -0.79
C PRO A 223 -23.49 -20.66 -0.52
N GLU A 224 -24.05 -21.78 -0.96
CA GLU A 224 -23.40 -23.08 -0.80
C GLU A 224 -22.03 -23.12 -1.48
N ASN A 225 -21.84 -22.38 -2.56
CA ASN A 225 -20.62 -22.48 -3.33
C ASN A 225 -19.53 -21.52 -2.85
N LEU A 226 -19.75 -20.81 -1.76
CA LEU A 226 -18.73 -19.93 -1.19
C LEU A 226 -18.35 -20.41 0.21
N PRO A 227 -17.05 -20.42 0.55
CA PRO A 227 -16.63 -20.95 1.85
C PRO A 227 -17.30 -20.25 3.03
N LEU A 228 -17.82 -21.05 3.94
CA LEU A 228 -18.42 -20.64 5.20
C LEU A 228 -17.46 -21.05 6.31
N THR A 229 -16.84 -20.08 6.97
CA THR A 229 -15.81 -20.35 7.95
C THR A 229 -16.11 -19.65 9.27
N ALA A 230 -15.33 -20.01 10.29
CA ALA A 230 -15.46 -19.38 11.60
C ALA A 230 -14.08 -19.34 12.24
N ARG A 231 -13.86 -18.35 13.10
CA ARG A 231 -12.71 -18.33 13.98
C ARG A 231 -13.17 -18.72 15.37
N PHE A 232 -12.37 -19.56 16.04
CA PHE A 232 -12.81 -20.14 17.31
C PHE A 232 -11.58 -20.38 18.17
N GLY A 233 -11.64 -19.93 19.41
CA GLY A 233 -10.57 -20.15 20.36
C GLY A 233 -10.72 -21.52 20.97
N VAL A 234 -9.73 -22.39 20.74
CA VAL A 234 -9.89 -23.80 21.11
C VAL A 234 -9.27 -24.14 22.46
N LEU A 235 -8.48 -23.24 23.04
CA LEU A 235 -8.03 -23.38 24.42
C LEU A 235 -7.74 -21.99 24.97
N GLU A 236 -7.61 -21.91 26.30
CA GLU A 236 -7.41 -20.64 26.98
C GLU A 236 -6.05 -20.48 27.62
N TYR A 237 -5.29 -21.56 27.79
CA TYR A 237 -4.08 -21.56 28.61
C TYR A 237 -4.39 -21.11 30.03
N ASP A 238 -5.49 -21.66 30.55
CA ASP A 238 -6.01 -21.36 31.88
C ASP A 238 -5.88 -22.54 32.83
N GLY A 239 -4.98 -23.49 32.53
CA GLY A 239 -4.86 -24.67 33.35
C GLY A 239 -5.91 -25.72 33.14
N ARG A 240 -6.83 -25.53 32.17
CA ARG A 240 -7.85 -26.52 31.82
C ARG A 240 -7.71 -26.97 30.37
N ASP A 241 -6.48 -26.96 29.83
CA ASP A 241 -6.30 -27.02 28.39
C ASP A 241 -6.73 -28.35 27.78
N GLU A 242 -6.40 -29.47 28.43
CA GLU A 242 -6.73 -30.75 27.81
C GLU A 242 -8.24 -30.94 27.72
N GLN A 243 -8.96 -30.65 28.80
CA GLN A 243 -10.43 -30.76 28.77
C GLN A 243 -11.03 -29.76 27.80
N THR A 244 -10.51 -28.53 27.80
CA THR A 244 -11.08 -27.50 26.92
C THR A 244 -10.82 -27.83 25.46
N LEU A 245 -9.61 -28.28 25.13
N LEU A 245 -9.61 -28.28 25.14
CA LEU A 245 -9.32 -28.63 23.75
CA LEU A 245 -9.31 -28.64 23.75
C LEU A 245 -10.18 -29.79 23.28
C LEU A 245 -10.19 -29.78 23.28
N GLU A 246 -10.40 -30.79 24.13
CA GLU A 246 -11.25 -31.91 23.74
C GLU A 246 -12.67 -31.45 23.42
N GLU A 247 -13.23 -30.57 24.25
CA GLU A 247 -14.57 -30.05 23.99
C GLU A 247 -14.60 -29.17 22.75
N SER A 248 -13.56 -28.34 22.57
CA SER A 248 -13.52 -27.48 21.39
C SER A 248 -13.43 -28.31 20.11
N ILE A 249 -12.66 -29.39 20.14
CA ILE A 249 -12.57 -30.22 18.94
C ILE A 249 -13.89 -30.93 18.66
N GLU A 250 -14.62 -31.33 19.70
CA GLU A 250 -15.94 -31.91 19.46
C GLU A 250 -16.89 -30.87 18.87
N LEU A 251 -16.84 -29.62 19.35
CA LEU A 251 -17.63 -28.58 18.72
C LEU A 251 -17.24 -28.40 17.26
N ALA A 252 -15.94 -28.46 16.94
CA ALA A 252 -15.51 -28.35 15.55
C ALA A 252 -16.11 -29.47 14.69
N ARG A 253 -16.25 -30.67 15.27
CA ARG A 253 -16.93 -31.74 14.53
C ARG A 253 -18.38 -31.37 14.24
N ARG A 254 -19.05 -30.71 15.20
CA ARG A 254 -20.44 -30.33 14.97
C ARG A 254 -20.53 -29.15 14.01
N PHE A 255 -19.55 -28.24 14.02
CA PHE A 255 -19.48 -27.22 12.97
C PHE A 255 -19.39 -27.86 11.60
N LYS A 256 -18.53 -28.87 11.45
N LYS A 256 -18.53 -28.87 11.45
CA LYS A 256 -18.38 -29.54 10.16
CA LYS A 256 -18.39 -29.53 10.16
C LYS A 256 -19.69 -30.18 9.73
C LYS A 256 -19.68 -30.18 9.72
N ALA A 257 -20.39 -30.84 10.65
CA ALA A 257 -21.69 -31.42 10.32
C ALA A 257 -22.68 -30.33 9.90
N GLY A 258 -22.52 -29.11 10.43
CA GLY A 258 -23.34 -27.97 10.14
C GLY A 258 -22.92 -27.17 8.92
N GLY A 259 -22.00 -27.70 8.12
CA GLY A 259 -21.63 -27.05 6.88
C GLY A 259 -20.43 -26.12 6.95
N LEU A 260 -19.68 -26.10 8.04
CA LEU A 260 -18.47 -25.26 8.09
C LEU A 260 -17.40 -25.84 7.17
N ASP A 261 -16.78 -24.95 6.37
CA ASP A 261 -15.80 -25.38 5.37
C ASP A 261 -14.36 -25.30 5.86
N LEU A 262 -14.07 -24.38 6.77
CA LEU A 262 -12.71 -24.18 7.28
C LEU A 262 -12.82 -23.52 8.63
N LEU A 263 -11.92 -23.88 9.54
CA LEU A 263 -11.88 -23.32 10.89
C LEU A 263 -10.58 -22.55 11.08
N SER A 264 -10.69 -21.28 11.47
CA SER A 264 -9.52 -20.48 11.86
C SER A 264 -9.31 -20.72 13.34
N VAL A 265 -8.20 -21.40 13.68
CA VAL A 265 -7.95 -21.89 15.03
C VAL A 265 -7.17 -20.84 15.83
N SER A 266 -7.72 -20.45 16.97
CA SER A 266 -7.10 -19.37 17.74
C SER A 266 -7.16 -19.73 19.23
N VAL A 267 -6.83 -18.73 20.05
CA VAL A 267 -6.87 -18.82 21.51
C VAL A 267 -8.13 -18.14 21.98
N GLY A 268 -8.66 -18.57 23.13
CA GLY A 268 -9.96 -18.06 23.57
C GLY A 268 -9.93 -16.62 24.04
N PHE A 269 -8.88 -16.23 24.80
CA PHE A 269 -8.83 -14.91 25.42
C PHE A 269 -10.11 -14.56 26.18
N THR A 270 -10.75 -15.57 26.78
CA THR A 270 -12.04 -15.29 27.43
C THR A 270 -11.85 -14.55 28.76
N ILE A 271 -10.76 -14.83 29.46
CA ILE A 271 -10.46 -14.23 30.76
C ILE A 271 -9.02 -13.77 30.76
N PRO A 272 -8.65 -12.84 31.65
CA PRO A 272 -7.26 -12.37 31.68
C PRO A 272 -6.31 -13.29 32.45
N GLU A 273 -6.81 -14.17 33.31
CA GLU A 273 -5.96 -14.98 34.18
C GLU A 273 -5.50 -16.22 33.42
N THR A 274 -4.53 -16.01 32.52
CA THR A 274 -4.03 -17.06 31.65
C THR A 274 -2.52 -16.95 31.56
N ASN A 275 -1.91 -17.95 30.93
CA ASN A 275 -0.46 -17.96 30.74
C ASN A 275 -0.17 -18.49 29.33
N ILE A 276 -0.30 -17.59 28.35
CA ILE A 276 -0.16 -17.97 26.94
C ILE A 276 1.31 -18.06 26.58
N PRO A 277 1.78 -19.18 26.06
CA PRO A 277 3.22 -19.36 25.75
C PRO A 277 3.58 -18.82 24.36
N TRP A 278 3.51 -17.49 24.23
CA TRP A 278 3.82 -16.83 22.98
C TRP A 278 5.17 -17.27 22.44
N GLY A 279 5.23 -17.52 21.14
CA GLY A 279 6.45 -17.91 20.48
C GLY A 279 6.23 -18.13 19.00
N PRO A 280 7.32 -18.28 18.24
CA PRO A 280 7.18 -18.42 16.79
C PRO A 280 6.37 -19.65 16.43
N ALA A 281 5.27 -19.43 15.70
CA ALA A 281 4.40 -20.51 15.21
C ALA A 281 3.89 -21.40 16.34
N PHE A 282 3.70 -20.84 17.54
CA PHE A 282 3.40 -21.72 18.68
C PHE A 282 2.05 -22.42 18.54
N MET A 283 1.15 -21.90 17.70
CA MET A 283 -0.16 -22.54 17.51
C MET A 283 -0.10 -23.72 16.54
N GLY A 284 1.03 -23.93 15.87
CA GLY A 284 1.16 -24.98 14.88
C GLY A 284 0.65 -26.34 15.33
N PRO A 285 1.17 -26.84 16.46
CA PRO A 285 0.73 -28.18 16.92
C PRO A 285 -0.73 -28.24 17.31
N ILE A 286 -1.29 -27.14 17.83
CA ILE A 286 -2.71 -27.16 18.22
C ILE A 286 -3.59 -27.14 16.98
N ALA A 287 -3.25 -26.29 16.00
CA ALA A 287 -4.00 -26.29 14.75
C ALA A 287 -3.92 -27.65 14.07
N GLU A 288 -2.74 -28.30 14.11
CA GLU A 288 -2.59 -29.61 13.49
C GLU A 288 -3.52 -30.63 14.15
N ARG A 289 -3.63 -30.57 15.48
CA ARG A 289 -4.49 -31.53 16.18
C ARG A 289 -5.95 -31.29 15.84
N VAL A 290 -6.37 -30.02 15.77
CA VAL A 290 -7.74 -29.72 15.40
C VAL A 290 -8.01 -30.21 13.98
N ARG A 291 -7.07 -29.93 13.07
CA ARG A 291 -7.26 -30.29 11.67
C ARG A 291 -7.41 -31.79 11.52
N ARG A 292 -6.52 -32.56 12.16
CA ARG A 292 -6.52 -34.01 12.04
C ARG A 292 -7.70 -34.64 12.76
N GLU A 293 -8.00 -34.18 13.98
CA GLU A 293 -9.03 -34.85 14.76
C GLU A 293 -10.44 -34.49 14.31
N ALA A 294 -10.68 -33.25 13.90
CA ALA A 294 -11.99 -32.87 13.38
C ALA A 294 -12.13 -33.05 11.88
N LYS A 295 -11.05 -33.38 11.18
CA LYS A 295 -11.07 -33.58 9.72
C LYS A 295 -11.66 -32.37 9.03
N LEU A 296 -11.10 -31.21 9.34
CA LEU A 296 -11.57 -29.95 8.85
C LEU A 296 -10.36 -29.11 8.44
N PRO A 297 -10.38 -28.46 7.27
CA PRO A 297 -9.28 -27.55 6.93
C PRO A 297 -9.18 -26.44 7.97
N VAL A 298 -7.95 -25.93 8.18
CA VAL A 298 -7.70 -24.93 9.21
C VAL A 298 -6.74 -23.86 8.70
N THR A 299 -6.81 -22.70 9.34
CA THR A 299 -5.71 -21.73 9.31
C THR A 299 -5.41 -21.36 10.75
N SER A 300 -4.27 -20.74 10.96
CA SER A 300 -3.97 -20.14 12.25
C SER A 300 -2.98 -19.01 12.04
N ALA A 301 -2.62 -18.36 13.15
CA ALA A 301 -1.82 -17.14 13.10
C ALA A 301 -1.01 -17.09 14.39
N TRP A 302 -0.49 -15.90 14.71
CA TRP A 302 0.20 -15.62 15.98
C TRP A 302 1.63 -16.12 15.91
N GLY A 303 2.39 -15.62 14.96
CA GLY A 303 3.80 -15.92 14.85
C GLY A 303 4.23 -16.79 13.68
N PHE A 304 3.42 -16.90 12.62
CA PHE A 304 3.86 -17.58 11.40
C PHE A 304 4.44 -16.61 10.38
N GLY A 305 4.62 -15.35 10.74
CA GLY A 305 4.98 -14.30 9.80
C GLY A 305 6.44 -14.20 9.38
N THR A 306 7.12 -15.33 9.23
CA THR A 306 8.36 -15.40 8.47
C THR A 306 8.18 -16.44 7.37
N PRO A 307 8.84 -16.28 6.23
CA PRO A 307 8.53 -17.19 5.11
C PRO A 307 8.82 -18.65 5.41
N GLN A 308 9.92 -18.96 6.10
N GLN A 308 9.92 -18.94 6.11
CA GLN A 308 10.24 -20.36 6.37
CA GLN A 308 10.29 -20.32 6.41
C GLN A 308 9.31 -20.97 7.40
C GLN A 308 9.33 -20.96 7.41
N LEU A 309 8.82 -20.19 8.37
CA LEU A 309 7.85 -20.75 9.33
C LEU A 309 6.53 -21.07 8.63
N ALA A 310 6.09 -20.18 7.74
CA ALA A 310 4.85 -20.43 7.01
C ALA A 310 4.98 -21.66 6.12
N GLU A 311 6.11 -21.76 5.40
CA GLU A 311 6.36 -22.91 4.54
C GLU A 311 6.44 -24.19 5.35
N ALA A 312 7.13 -24.16 6.49
CA ALA A 312 7.26 -25.37 7.31
C ALA A 312 5.91 -25.86 7.82
N ALA A 313 5.03 -24.93 8.21
CA ALA A 313 3.75 -25.33 8.76
C ALA A 313 2.90 -26.04 7.72
N LEU A 314 2.95 -25.59 6.46
CA LEU A 314 2.20 -26.25 5.40
C LEU A 314 2.77 -27.62 5.10
N GLN A 315 4.10 -27.72 5.00
N GLN A 315 4.11 -27.71 4.98
CA GLN A 315 4.71 -29.02 4.69
CA GLN A 315 4.74 -28.99 4.71
C GLN A 315 4.47 -30.02 5.81
C GLN A 315 4.43 -30.01 5.80
N ALA A 316 4.37 -29.55 7.05
CA ALA A 316 4.06 -30.43 8.18
C ALA A 316 2.58 -30.72 8.30
N ASN A 317 1.78 -30.30 7.33
CA ASN A 317 0.34 -30.56 7.32
C ASN A 317 -0.31 -30.05 8.62
N GLN A 318 0.19 -28.93 9.15
CA GLN A 318 -0.45 -28.33 10.31
C GLN A 318 -1.57 -27.37 9.93
N LEU A 319 -1.47 -26.76 8.75
CA LEU A 319 -2.39 -25.73 8.28
C LEU A 319 -2.66 -25.96 6.80
N ASP A 320 -3.81 -25.48 6.33
CA ASP A 320 -4.07 -25.38 4.90
C ASP A 320 -3.76 -24.00 4.35
N LEU A 321 -3.93 -22.96 5.17
CA LEU A 321 -3.60 -21.58 4.84
C LEU A 321 -2.83 -21.01 6.01
N VAL A 322 -1.85 -20.16 5.73
CA VAL A 322 -1.07 -19.50 6.78
C VAL A 322 -1.57 -18.06 6.85
N SER A 323 -2.08 -17.66 8.01
CA SER A 323 -2.53 -16.28 8.22
C SER A 323 -1.36 -15.45 8.73
N VAL A 324 -1.08 -14.34 8.03
CA VAL A 324 0.07 -13.48 8.31
C VAL A 324 -0.47 -12.07 8.48
N GLY A 325 -0.52 -11.60 9.72
CA GLY A 325 -1.16 -10.34 10.05
C GLY A 325 -0.21 -9.17 10.14
N ARG A 326 0.49 -9.03 11.26
CA ARG A 326 1.29 -7.82 11.50
C ARG A 326 2.36 -7.61 10.44
N ALA A 327 2.92 -8.69 9.88
CA ALA A 327 3.93 -8.50 8.85
C ALA A 327 3.35 -7.77 7.64
N HIS A 328 2.03 -7.86 7.42
CA HIS A 328 1.38 -7.14 6.33
C HIS A 328 1.10 -5.69 6.69
N LEU A 329 1.00 -5.36 7.97
CA LEU A 329 0.97 -3.96 8.37
C LEU A 329 2.32 -3.31 8.17
N ALA A 330 3.38 -4.04 8.49
CA ALA A 330 4.72 -3.52 8.25
C ALA A 330 5.01 -3.36 6.77
N ASP A 331 4.63 -4.34 5.95
CA ASP A 331 4.91 -4.43 4.51
C ASP A 331 3.71 -5.10 3.89
N PRO A 332 2.99 -4.23 3.15
N PRO A 332 2.96 -4.25 3.16
CA PRO A 332 1.77 -4.66 2.45
CA PRO A 332 1.76 -4.72 2.48
C PRO A 332 2.10 -5.51 1.27
C PRO A 332 2.09 -5.51 1.25
N HIS A 333 3.32 -5.39 0.75
CA HIS A 333 3.76 -6.45 -0.17
C HIS A 333 4.46 -7.65 0.49
N TRP A 334 4.08 -8.06 1.70
CA TRP A 334 4.81 -9.16 2.33
C TRP A 334 4.80 -10.43 1.50
N ALA A 335 3.72 -10.71 0.76
CA ALA A 335 3.68 -11.92 -0.07
C ALA A 335 4.82 -11.95 -1.07
N TYR A 336 5.13 -10.79 -1.67
CA TYR A 336 6.27 -10.71 -2.58
C TYR A 336 7.58 -10.94 -1.85
N PHE A 337 7.72 -10.38 -0.65
CA PHE A 337 8.92 -10.65 0.15
C PHE A 337 9.06 -12.14 0.42
N ALA A 338 7.95 -12.82 0.75
CA ALA A 338 8.01 -14.26 1.01
C ALA A 338 8.37 -15.04 -0.26
N ALA A 339 7.84 -14.62 -1.41
CA ALA A 339 8.18 -15.28 -2.66
C ALA A 339 9.69 -15.21 -2.93
N LYS A 340 10.28 -14.03 -2.74
CA LYS A 340 11.74 -13.90 -2.92
C LYS A 340 12.49 -14.79 -1.92
N GLU A 341 12.13 -14.69 -0.64
CA GLU A 341 12.82 -15.46 0.40
C GLU A 341 12.74 -16.96 0.16
N LEU A 342 11.63 -17.45 -0.39
CA LEU A 342 11.49 -18.87 -0.67
C LEU A 342 11.97 -19.26 -2.07
N GLY A 343 12.54 -18.31 -2.82
CA GLY A 343 13.09 -18.62 -4.12
C GLY A 343 12.07 -18.98 -5.18
N VAL A 344 10.85 -18.45 -5.08
CA VAL A 344 9.84 -18.69 -6.10
C VAL A 344 10.36 -18.19 -7.44
N GLU A 345 10.07 -18.94 -8.49
CA GLU A 345 10.41 -18.51 -9.84
C GLU A 345 9.55 -17.31 -10.23
N LYS A 346 10.19 -16.31 -10.84
CA LYS A 346 9.52 -15.06 -11.21
C LYS A 346 8.78 -14.48 -10.01
N ALA A 347 9.50 -14.41 -8.88
CA ALA A 347 8.90 -13.97 -7.62
C ALA A 347 8.36 -12.53 -7.70
N SER A 348 8.96 -11.69 -8.53
N SER A 348 8.97 -11.69 -8.54
CA SER A 348 8.46 -10.31 -8.61
CA SER A 348 8.49 -10.32 -8.66
C SER A 348 7.06 -10.24 -9.19
C SER A 348 7.07 -10.26 -9.18
N TRP A 349 6.66 -11.24 -9.98
CA TRP A 349 5.33 -11.26 -10.56
C TRP A 349 4.26 -11.76 -9.59
N THR A 350 4.62 -11.93 -8.32
CA THR A 350 3.64 -11.91 -7.24
C THR A 350 2.88 -10.58 -7.20
N LEU A 351 3.52 -9.50 -7.65
CA LEU A 351 3.01 -8.14 -7.72
C LEU A 351 2.45 -7.84 -9.11
N PRO A 352 1.60 -6.82 -9.24
CA PRO A 352 1.14 -6.41 -10.57
C PRO A 352 2.29 -5.88 -11.42
N ALA A 353 2.08 -5.93 -12.75
CA ALA A 353 3.11 -5.54 -13.70
C ALA A 353 3.82 -4.21 -13.44
N PRO A 354 3.14 -3.11 -13.04
CA PRO A 354 3.86 -1.83 -12.88
C PRO A 354 4.92 -1.88 -11.79
N TYR A 355 4.90 -2.89 -10.93
CA TYR A 355 5.96 -3.17 -9.98
C TYR A 355 6.83 -4.32 -10.45
N ALA A 356 6.19 -5.42 -10.87
CA ALA A 356 6.90 -6.67 -11.15
C ALA A 356 7.95 -6.49 -12.25
N HIS A 357 7.64 -5.71 -13.28
CA HIS A 357 8.57 -5.58 -14.40
C HIS A 357 9.93 -5.06 -13.92
N TRP A 358 9.93 -4.12 -12.99
CA TRP A 358 11.16 -3.46 -12.56
C TRP A 358 11.89 -4.21 -11.46
N LEU A 359 11.16 -4.98 -10.66
CA LEU A 359 11.77 -5.71 -9.58
C LEU A 359 12.35 -7.04 -10.03
N GLU A 360 11.86 -7.56 -11.16
CA GLU A 360 12.57 -8.62 -11.85
C GLU A 360 13.90 -8.08 -12.40
N ARG A 361 13.87 -6.83 -12.86
CA ARG A 361 14.99 -6.06 -13.42
C ARG A 361 15.27 -6.47 -14.86
N SER B 2 19.47 10.42 13.35
CA SER B 2 19.66 10.03 11.96
C SER B 2 19.45 11.21 11.03
N ALA B 3 20.42 11.46 10.14
CA ALA B 3 20.27 12.54 9.17
C ALA B 3 19.10 12.28 8.23
N LEU B 4 18.85 11.01 7.89
CA LEU B 4 17.76 10.68 6.99
C LEU B 4 16.41 11.09 7.55
N PHE B 5 16.30 11.22 8.86
CA PHE B 5 15.01 11.53 9.46
C PHE B 5 14.95 12.94 10.04
N GLU B 6 15.87 13.81 9.64
N GLU B 6 15.86 13.81 9.63
CA GLU B 6 15.77 15.22 9.96
CA GLU B 6 15.78 15.23 9.94
C GLU B 6 14.82 15.91 8.98
C GLU B 6 14.84 15.92 8.97
N PRO B 7 13.96 16.80 9.45
CA PRO B 7 13.09 17.56 8.54
C PRO B 7 13.89 18.48 7.62
N TYR B 8 13.23 18.92 6.55
CA TYR B 8 13.85 19.79 5.55
C TYR B 8 12.85 20.86 5.15
N THR B 9 13.26 22.12 5.19
CA THR B 9 12.41 23.23 4.79
C THR B 9 12.98 23.91 3.55
N LEU B 10 12.13 24.13 2.56
CA LEU B 10 12.49 24.80 1.32
C LEU B 10 11.31 25.68 0.94
N LYS B 11 11.55 26.98 0.81
CA LYS B 11 10.46 27.98 0.64
C LYS B 11 9.49 27.77 1.81
N ASP B 12 8.19 27.68 1.57
CA ASP B 12 7.25 27.50 2.68
C ASP B 12 6.94 26.03 2.99
N VAL B 13 7.66 25.10 2.39
CA VAL B 13 7.34 23.67 2.51
C VAL B 13 8.32 23.02 3.47
N THR B 14 7.79 22.23 4.41
CA THR B 14 8.62 21.46 5.34
C THR B 14 8.31 19.98 5.16
N LEU B 15 9.34 19.20 4.82
CA LEU B 15 9.25 17.75 4.69
C LEU B 15 9.65 17.11 6.02
N ARG B 16 8.93 16.07 6.43
CA ARG B 16 9.14 15.50 7.75
C ARG B 16 10.43 14.69 7.85
N ASN B 17 11.06 14.33 6.73
CA ASN B 17 12.35 13.65 6.72
C ASN B 17 12.99 13.91 5.36
N ARG B 18 14.15 13.29 5.12
CA ARG B 18 14.89 13.50 3.88
C ARG B 18 14.64 12.42 2.84
N ILE B 19 13.63 11.57 3.04
CA ILE B 19 13.31 10.52 2.07
C ILE B 19 12.34 11.09 1.05
N ALA B 20 12.74 11.12 -0.20
CA ALA B 20 11.86 11.51 -1.29
C ALA B 20 11.56 10.31 -2.16
N ILE B 21 10.32 10.19 -2.61
CA ILE B 21 9.95 9.22 -3.63
C ILE B 21 10.03 9.91 -4.98
N PRO B 22 10.97 9.54 -5.84
CA PRO B 22 11.12 10.21 -7.13
C PRO B 22 9.99 9.82 -8.07
N PRO B 23 9.77 10.60 -9.13
CA PRO B 23 8.71 10.25 -10.09
C PRO B 23 8.93 8.87 -10.69
N MET B 24 7.87 8.05 -10.69
CA MET B 24 7.96 6.71 -11.29
C MET B 24 6.70 6.45 -12.11
N CYS B 25 6.83 6.50 -13.43
CA CYS B 25 5.72 6.19 -14.34
C CYS B 25 5.11 4.85 -14.03
N GLN B 26 3.78 4.80 -14.05
CA GLN B 26 3.04 3.57 -13.77
C GLN B 26 2.46 2.93 -15.01
N TYR B 27 2.34 3.69 -16.12
CA TYR B 27 1.83 3.19 -17.40
C TYR B 27 0.42 2.61 -17.25
N MET B 28 -0.36 3.14 -16.31
CA MET B 28 -1.71 2.64 -16.05
C MET B 28 -2.81 3.65 -16.35
N ALA B 29 -2.48 4.81 -16.90
CA ALA B 29 -3.47 5.81 -17.24
C ALA B 29 -4.11 5.47 -18.59
N GLU B 30 -5.26 6.08 -18.84
CA GLU B 30 -5.97 5.90 -20.11
C GLU B 30 -6.34 7.29 -20.64
N ASP B 31 -5.91 7.59 -21.87
CA ASP B 31 -6.10 8.91 -22.46
C ASP B 31 -5.63 10.00 -21.50
N GLY B 32 -4.53 9.71 -20.79
CA GLY B 32 -3.93 10.67 -19.88
C GLY B 32 -4.55 10.73 -18.50
N LEU B 33 -5.71 10.09 -18.28
CA LEU B 33 -6.43 10.19 -17.01
C LEU B 33 -5.95 9.11 -16.05
N ILE B 34 -5.57 9.53 -14.85
CA ILE B 34 -5.18 8.56 -13.83
C ILE B 34 -6.46 7.94 -13.25
N ASN B 35 -6.32 6.90 -12.44
CA ASN B 35 -7.48 6.15 -11.99
C ASN B 35 -7.13 5.47 -10.67
N ASP B 36 -7.90 4.44 -10.31
CA ASP B 36 -7.71 3.82 -9.01
C ASP B 36 -6.37 3.10 -8.87
N TRP B 37 -5.72 2.74 -9.98
CA TRP B 37 -4.35 2.26 -9.81
C TRP B 37 -3.51 3.29 -9.08
N HIS B 38 -3.51 4.53 -9.61
CA HIS B 38 -2.68 5.58 -9.05
C HIS B 38 -3.14 5.99 -7.66
N GLN B 39 -4.45 6.05 -7.43
CA GLN B 39 -4.94 6.52 -6.15
C GLN B 39 -4.39 5.67 -5.01
N VAL B 40 -4.47 4.34 -5.15
CA VAL B 40 -4.00 3.45 -4.10
C VAL B 40 -2.47 3.44 -4.04
N HIS B 41 -1.83 3.37 -5.21
CA HIS B 41 -0.38 3.37 -5.31
C HIS B 41 0.23 4.55 -4.55
N TYR B 42 -0.27 5.76 -4.82
CA TYR B 42 0.34 6.96 -4.22
C TYR B 42 -0.06 7.11 -2.75
N ALA B 43 -1.32 6.81 -2.40
CA ALA B 43 -1.73 6.94 -1.01
C ALA B 43 -0.97 5.96 -0.13
N SER B 44 -0.75 4.74 -0.61
CA SER B 44 -0.06 3.74 0.21
C SER B 44 1.38 4.13 0.47
N MET B 45 2.09 4.60 -0.57
CA MET B 45 3.48 5.00 -0.36
C MET B 45 3.58 6.22 0.55
N ALA B 46 2.64 7.15 0.43
CA ALA B 46 2.67 8.32 1.30
C ALA B 46 2.46 7.93 2.75
N ARG B 47 1.55 6.98 3.00
CA ARG B 47 1.38 6.48 4.35
C ARG B 47 2.63 5.75 4.85
N GLY B 48 3.50 5.30 3.95
CA GLY B 48 4.68 4.57 4.35
C GLY B 48 5.71 5.42 5.07
N GLY B 49 5.62 6.74 4.94
CA GLY B 49 6.41 7.64 5.76
C GLY B 49 7.32 8.59 5.00
N ALA B 50 7.52 8.42 3.70
CA ALA B 50 8.39 9.34 2.97
C ALA B 50 7.91 10.77 3.12
N GLY B 51 8.86 11.70 3.25
CA GLY B 51 8.49 13.10 3.44
C GLY B 51 8.00 13.80 2.20
N LEU B 52 8.43 13.33 1.02
CA LEU B 52 8.05 13.97 -0.25
C LEU B 52 7.71 12.86 -1.24
N LEU B 53 6.62 13.05 -1.98
CA LEU B 53 6.23 12.10 -3.01
C LEU B 53 6.05 12.87 -4.31
N VAL B 54 6.98 12.73 -5.24
CA VAL B 54 6.85 13.35 -6.56
C VAL B 54 6.10 12.41 -7.50
N VAL B 55 4.91 12.83 -7.92
CA VAL B 55 4.13 12.02 -8.85
C VAL B 55 4.86 11.90 -10.19
N GLU B 56 4.68 10.74 -10.83
CA GLU B 56 5.29 10.36 -12.09
C GLU B 56 5.23 11.42 -13.18
N ALA B 57 6.14 11.31 -14.14
CA ALA B 57 6.15 12.17 -15.32
C ALA B 57 4.74 12.29 -15.90
N THR B 58 4.23 13.51 -15.92
CA THR B 58 2.88 13.79 -16.37
C THR B 58 2.96 14.74 -17.57
N ALA B 59 2.42 14.31 -18.71
CA ALA B 59 2.67 14.96 -19.99
C ALA B 59 1.93 16.29 -20.10
N VAL B 60 2.66 17.32 -20.57
CA VAL B 60 2.06 18.63 -20.79
C VAL B 60 1.25 18.71 -22.07
N ALA B 61 1.30 17.68 -22.91
CA ALA B 61 0.59 17.65 -24.17
C ALA B 61 0.47 16.20 -24.59
N PRO B 62 -0.55 15.84 -25.36
CA PRO B 62 -0.76 14.41 -25.64
C PRO B 62 0.44 13.76 -26.29
N GLU B 63 1.10 14.46 -27.23
CA GLU B 63 2.22 13.84 -27.90
C GLU B 63 3.46 13.79 -27.03
N GLY B 64 3.40 14.38 -25.84
CA GLY B 64 4.49 14.37 -24.88
C GLY B 64 4.44 13.20 -23.91
N ARG B 65 3.42 12.35 -23.99
CA ARG B 65 3.47 11.11 -23.24
C ARG B 65 4.56 10.21 -23.80
N ILE B 66 5.08 9.31 -22.95
CA ILE B 66 5.92 8.26 -23.49
C ILE B 66 5.08 7.20 -24.19
N THR B 67 4.03 6.73 -23.52
CA THR B 67 3.22 5.59 -23.93
C THR B 67 1.75 5.92 -23.85
N PRO B 68 0.88 5.06 -24.41
CA PRO B 68 -0.56 5.23 -24.20
C PRO B 68 -1.00 5.06 -22.75
N GLY B 69 -0.11 4.63 -21.86
CA GLY B 69 -0.45 4.52 -20.46
C GLY B 69 0.01 5.66 -19.60
N CYS B 70 0.61 6.70 -20.18
CA CYS B 70 1.18 7.77 -19.38
C CYS B 70 0.11 8.77 -18.94
N ALA B 71 0.32 9.32 -17.76
CA ALA B 71 -0.53 10.37 -17.23
C ALA B 71 -0.30 11.67 -17.99
N GLY B 72 -1.34 12.50 -18.01
CA GLY B 72 -1.27 13.81 -18.64
C GLY B 72 -1.97 14.87 -17.80
N ILE B 73 -1.63 16.12 -18.09
CA ILE B 73 -2.24 17.24 -17.39
C ILE B 73 -2.48 18.36 -18.41
N TRP B 74 -2.83 17.98 -19.64
CA TRP B 74 -2.98 18.94 -20.74
C TRP B 74 -4.38 19.52 -20.83
N SER B 75 -5.26 19.20 -19.89
CA SER B 75 -6.58 19.80 -19.85
C SER B 75 -7.00 19.93 -18.39
N ASP B 76 -8.01 20.78 -18.15
CA ASP B 76 -8.47 20.96 -16.78
C ASP B 76 -9.04 19.68 -16.20
N ALA B 77 -9.70 18.85 -17.03
CA ALA B 77 -10.22 17.59 -16.53
C ALA B 77 -9.10 16.66 -16.09
N HIS B 78 -7.98 16.67 -16.81
CA HIS B 78 -6.83 15.86 -16.40
C HIS B 78 -6.31 16.30 -15.03
N ALA B 79 -6.25 17.62 -14.82
CA ALA B 79 -5.75 18.16 -13.55
C ALA B 79 -6.68 17.81 -12.40
N GLN B 80 -8.00 17.91 -12.63
CA GLN B 80 -8.94 17.59 -11.57
C GLN B 80 -8.79 16.14 -11.12
N ALA B 81 -8.40 15.24 -12.02
CA ALA B 81 -8.20 13.85 -11.65
C ALA B 81 -7.10 13.70 -10.59
N PHE B 82 -6.16 14.64 -10.56
CA PHE B 82 -5.08 14.54 -9.57
C PHE B 82 -5.50 15.00 -8.19
N VAL B 83 -6.62 15.71 -8.05
CA VAL B 83 -6.99 16.28 -6.75
C VAL B 83 -7.07 15.22 -5.65
N PRO B 84 -7.73 14.08 -5.84
CA PRO B 84 -7.76 13.08 -4.76
C PRO B 84 -6.39 12.49 -4.44
N VAL B 85 -5.47 12.45 -5.41
CA VAL B 85 -4.13 11.97 -5.14
C VAL B 85 -3.37 12.98 -4.28
N VAL B 86 -3.43 14.26 -4.66
CA VAL B 86 -2.85 15.32 -3.87
C VAL B 86 -3.35 15.25 -2.44
N GLN B 87 -4.67 15.16 -2.27
CA GLN B 87 -5.25 15.24 -0.95
C GLN B 87 -4.93 14.00 -0.11
N ALA B 88 -4.79 12.82 -0.75
CA ALA B 88 -4.42 11.62 0.00
C ALA B 88 -2.98 11.65 0.46
N ILE B 89 -2.08 12.19 -0.37
CA ILE B 89 -0.69 12.34 0.04
C ILE B 89 -0.59 13.28 1.23
N LYS B 90 -1.28 14.43 1.16
CA LYS B 90 -1.27 15.37 2.27
C LYS B 90 -1.91 14.78 3.52
N ALA B 91 -3.00 14.03 3.36
CA ALA B 91 -3.66 13.42 4.52
C ALA B 91 -2.71 12.47 5.25
N ALA B 92 -1.80 11.83 4.53
CA ALA B 92 -0.80 10.94 5.10
C ALA B 92 0.37 11.69 5.75
N GLY B 93 0.42 13.02 5.64
CA GLY B 93 1.52 13.77 6.21
C GLY B 93 2.71 13.93 5.31
N SER B 94 2.64 13.50 4.06
CA SER B 94 3.69 13.69 3.07
C SER B 94 3.39 14.93 2.25
N VAL B 95 4.38 15.38 1.47
CA VAL B 95 4.23 16.56 0.62
C VAL B 95 4.02 16.10 -0.81
N PRO B 96 2.94 16.51 -1.49
CA PRO B 96 2.69 16.08 -2.86
C PRO B 96 3.41 16.97 -3.86
N GLY B 97 4.23 16.35 -4.71
CA GLY B 97 4.85 17.03 -5.82
C GLY B 97 4.45 16.34 -7.12
N ILE B 98 4.79 16.97 -8.24
CA ILE B 98 4.53 16.38 -9.55
C ILE B 98 5.65 16.77 -10.49
N GLN B 99 6.06 15.82 -11.33
CA GLN B 99 6.98 16.08 -12.43
C GLN B 99 6.18 16.28 -13.71
N ILE B 100 6.34 17.44 -14.36
CA ILE B 100 5.66 17.67 -15.64
C ILE B 100 6.68 17.52 -16.76
N ALA B 101 6.24 16.95 -17.89
CA ALA B 101 7.18 16.31 -18.80
C ALA B 101 6.73 16.43 -20.25
N HIS B 102 7.69 16.23 -21.14
CA HIS B 102 7.41 16.04 -22.57
C HIS B 102 8.46 15.10 -23.11
N ALA B 103 8.02 13.95 -23.60
CA ALA B 103 8.94 12.87 -23.93
C ALA B 103 9.74 13.08 -25.21
N GLY B 104 9.44 14.12 -25.98
CA GLY B 104 10.26 14.38 -27.17
C GLY B 104 10.32 13.19 -28.10
N ARG B 105 11.53 12.87 -28.57
CA ARG B 105 11.66 11.80 -29.57
C ARG B 105 11.48 10.41 -28.98
N LYS B 106 11.47 10.27 -27.66
CA LYS B 106 11.23 8.97 -27.03
C LYS B 106 9.75 8.67 -26.86
N ALA B 107 8.88 9.54 -27.36
CA ALA B 107 7.43 9.37 -27.22
C ALA B 107 6.91 8.32 -28.19
N SER B 108 5.60 8.01 -28.03
CA SER B 108 4.88 7.04 -28.87
C SER B 108 5.52 5.66 -28.80
N ALA B 109 5.72 5.18 -27.58
CA ALA B 109 6.35 3.88 -27.32
C ALA B 109 5.39 2.95 -26.59
N ASN B 110 5.67 1.65 -26.71
CA ASN B 110 4.92 0.64 -25.97
C ASN B 110 5.26 0.67 -24.48
N ARG B 111 4.35 0.14 -23.67
N ARG B 111 4.35 0.14 -23.67
CA ARG B 111 4.64 -0.01 -22.25
CA ARG B 111 4.64 -0.01 -22.25
C ARG B 111 5.86 -0.92 -22.09
C ARG B 111 5.85 -0.93 -22.08
N PRO B 112 6.64 -0.72 -21.01
CA PRO B 112 7.88 -1.51 -20.87
C PRO B 112 7.68 -3.02 -20.83
N TRP B 113 6.58 -3.51 -20.26
CA TRP B 113 6.32 -4.95 -20.28
C TRP B 113 5.57 -5.40 -21.52
N GLU B 114 5.42 -4.52 -22.51
CA GLU B 114 4.71 -4.80 -23.76
C GLU B 114 5.59 -4.44 -24.96
N GLY B 115 6.91 -4.64 -24.83
CA GLY B 115 7.86 -4.44 -25.90
C GLY B 115 8.84 -3.32 -25.65
N ASP B 116 8.41 -2.26 -24.96
CA ASP B 116 9.26 -1.14 -24.56
C ASP B 116 9.78 -0.36 -25.76
N ASP B 117 9.27 -0.62 -26.97
CA ASP B 117 9.84 -0.07 -28.19
C ASP B 117 8.85 0.90 -28.86
N HIS B 118 9.34 1.62 -29.86
CA HIS B 118 8.47 2.53 -30.59
C HIS B 118 7.29 1.76 -31.20
N ILE B 119 6.12 2.37 -31.11
CA ILE B 119 4.91 1.78 -31.64
C ILE B 119 5.00 1.70 -33.17
N GLY B 120 4.57 0.58 -33.73
CA GLY B 120 4.64 0.42 -35.18
C GLY B 120 3.64 1.30 -35.91
N ALA B 121 4.01 1.69 -37.13
CA ALA B 121 3.19 2.61 -37.92
C ALA B 121 1.84 2.02 -38.31
N ASP B 122 1.68 0.70 -38.21
CA ASP B 122 0.40 0.04 -38.43
C ASP B 122 -0.53 0.12 -37.23
N ASP B 123 -0.02 0.48 -36.06
CA ASP B 123 -0.72 0.39 -34.80
C ASP B 123 -1.54 1.66 -34.57
N ALA B 124 -2.83 1.49 -34.23
CA ALA B 124 -3.72 2.63 -34.06
C ALA B 124 -3.39 3.48 -32.84
N ARG B 125 -2.42 3.09 -32.04
N ARG B 125 -2.41 3.08 -32.03
CA ARG B 125 -2.13 3.84 -30.82
CA ARG B 125 -2.10 3.80 -30.81
C ARG B 125 -1.04 4.89 -31.00
C ARG B 125 -1.00 4.85 -30.98
N GLY B 126 -0.27 4.84 -32.09
CA GLY B 126 0.89 5.70 -32.24
C GLY B 126 0.59 7.14 -32.66
N TRP B 127 1.62 7.99 -32.53
CA TRP B 127 1.47 9.39 -32.89
C TRP B 127 2.81 9.97 -33.35
N GLU B 128 2.75 11.14 -33.98
CA GLU B 128 3.96 11.81 -34.43
C GLU B 128 4.68 12.45 -33.26
N THR B 129 5.99 12.22 -33.19
CA THR B 129 6.84 12.75 -32.13
C THR B 129 7.56 14.00 -32.62
N ILE B 130 8.00 14.84 -31.67
CA ILE B 130 8.68 16.10 -31.99
C ILE B 130 9.97 16.19 -31.18
N ALA B 131 10.92 16.96 -31.68
CA ALA B 131 12.25 17.05 -31.08
C ALA B 131 12.96 18.27 -31.63
N PRO B 132 14.10 18.65 -31.05
CA PRO B 132 14.86 19.78 -31.64
C PRO B 132 15.29 19.52 -33.07
N SER B 133 15.68 18.28 -33.39
CA SER B 133 16.14 17.92 -34.73
C SER B 133 15.56 16.58 -35.15
N ALA B 134 15.43 16.39 -36.47
CA ALA B 134 14.87 15.17 -37.04
C ALA B 134 15.93 14.07 -37.06
N ILE B 135 16.23 13.56 -35.87
CA ILE B 135 17.23 12.53 -35.67
C ILE B 135 16.68 11.53 -34.66
N ALA B 136 16.75 10.25 -34.98
CA ALA B 136 16.21 9.22 -34.11
C ALA B 136 17.19 8.86 -32.99
N PHE B 137 16.63 8.49 -31.84
CA PHE B 137 17.42 7.88 -30.78
C PHE B 137 18.17 6.66 -31.30
N GLY B 138 17.48 5.81 -32.05
CA GLY B 138 18.04 4.56 -32.52
C GLY B 138 17.61 3.41 -31.64
N ALA B 139 18.27 2.27 -31.86
CA ALA B 139 18.05 1.05 -31.06
C ALA B 139 16.56 0.73 -31.07
N HIS B 140 15.92 0.53 -29.91
CA HIS B 140 14.51 0.19 -29.82
C HIS B 140 13.59 1.37 -30.07
N LEU B 141 14.14 2.55 -30.34
CA LEU B 141 13.37 3.77 -30.60
C LEU B 141 13.81 4.36 -31.93
N PRO B 142 13.52 3.67 -33.04
CA PRO B 142 14.03 4.14 -34.35
C PRO B 142 13.21 5.23 -35.03
N ASN B 143 12.03 5.59 -34.54
CA ASN B 143 11.21 6.58 -35.23
C ASN B 143 11.91 7.94 -35.26
N VAL B 144 11.95 8.54 -36.44
CA VAL B 144 12.53 9.87 -36.62
C VAL B 144 11.50 10.92 -36.20
N PRO B 145 11.83 11.80 -35.25
CA PRO B 145 10.88 12.84 -34.86
C PRO B 145 10.81 13.95 -35.90
N ARG B 146 9.76 14.76 -35.78
CA ARG B 146 9.62 15.98 -36.57
C ARG B 146 10.39 17.11 -35.87
N ALA B 147 11.24 17.81 -36.62
CA ALA B 147 11.99 18.92 -36.04
C ALA B 147 11.05 20.07 -35.72
N MET B 148 11.17 20.61 -34.51
CA MET B 148 10.28 21.67 -34.06
C MET B 148 10.57 22.99 -34.77
N THR B 149 9.51 23.72 -35.06
CA THR B 149 9.65 25.10 -35.52
C THR B 149 9.66 26.02 -34.31
N LEU B 150 9.95 27.30 -34.56
CA LEU B 150 9.82 28.30 -33.50
C LEU B 150 8.39 28.35 -32.95
N ASP B 151 7.40 28.11 -33.81
CA ASP B 151 6.02 28.07 -33.31
C ASP B 151 5.82 26.91 -32.36
N ASP B 152 6.42 25.75 -32.66
CA ASP B 152 6.32 24.61 -31.76
C ASP B 152 6.95 24.91 -30.41
N ILE B 153 8.10 25.59 -30.43
CA ILE B 153 8.80 25.93 -29.19
C ILE B 153 7.93 26.82 -28.32
N ALA B 154 7.33 27.85 -28.92
CA ALA B 154 6.41 28.69 -28.17
C ALA B 154 5.25 27.88 -27.59
N ARG B 155 4.70 26.96 -28.39
CA ARG B 155 3.54 26.20 -27.93
C ARG B 155 3.91 25.26 -26.78
N VAL B 156 5.02 24.54 -26.92
CA VAL B 156 5.41 23.62 -25.85
C VAL B 156 5.70 24.40 -24.57
N LYS B 157 6.38 25.54 -24.67
CA LYS B 157 6.60 26.36 -23.48
C LYS B 157 5.29 26.72 -22.81
N GLN B 158 4.30 27.15 -23.60
CA GLN B 158 3.01 27.52 -23.04
C GLN B 158 2.31 26.29 -22.43
N ASP B 159 2.52 25.12 -23.02
CA ASP B 159 1.97 23.89 -22.44
C ASP B 159 2.57 23.61 -21.07
N PHE B 160 3.87 23.85 -20.89
CA PHE B 160 4.47 23.72 -19.57
C PHE B 160 3.88 24.75 -18.61
N VAL B 161 3.68 25.98 -19.07
CA VAL B 161 3.08 27.00 -18.20
C VAL B 161 1.69 26.57 -17.77
N ASP B 162 0.86 26.13 -18.72
CA ASP B 162 -0.50 25.71 -18.40
C ASP B 162 -0.49 24.53 -17.43
N ALA B 163 0.43 23.58 -17.64
CA ALA B 163 0.53 22.42 -16.76
C ALA B 163 0.91 22.85 -15.35
N ALA B 164 1.85 23.80 -15.22
CA ALA B 164 2.22 24.30 -13.90
C ALA B 164 1.06 24.99 -13.21
N ARG B 165 0.30 25.79 -13.96
CA ARG B 165 -0.85 26.44 -13.36
C ARG B 165 -1.88 25.40 -12.91
N ARG B 166 -2.08 24.36 -13.71
CA ARG B 166 -3.02 23.30 -13.33
C ARG B 166 -2.52 22.54 -12.11
N ALA B 167 -1.22 22.26 -12.05
CA ALA B 167 -0.68 21.56 -10.88
C ALA B 167 -0.88 22.39 -9.62
N ARG B 168 -0.64 23.71 -9.72
CA ARG B 168 -0.88 24.61 -8.60
C ARG B 168 -2.32 24.51 -8.11
N ASP B 169 -3.28 24.63 -9.03
CA ASP B 169 -4.69 24.59 -8.62
C ASP B 169 -5.14 23.22 -8.14
N ALA B 170 -4.45 22.14 -8.55
CA ALA B 170 -4.77 20.83 -8.01
C ALA B 170 -4.25 20.64 -6.59
N GLY B 171 -3.40 21.53 -6.09
CA GLY B 171 -2.91 21.48 -4.74
C GLY B 171 -1.51 20.94 -4.57
N PHE B 172 -0.77 20.68 -5.65
CA PHE B 172 0.61 20.25 -5.53
C PHE B 172 1.43 21.35 -4.88
N GLU B 173 2.37 20.96 -4.01
CA GLU B 173 3.16 21.91 -3.24
C GLU B 173 4.62 21.93 -3.69
N TRP B 174 4.92 21.30 -4.81
CA TRP B 174 6.27 21.06 -5.25
C TRP B 174 6.18 20.65 -6.72
N ILE B 175 6.95 21.30 -7.59
CA ILE B 175 6.91 20.95 -9.01
C ILE B 175 8.32 20.62 -9.48
N GLU B 176 8.42 19.66 -10.40
CA GLU B 176 9.69 19.28 -11.00
C GLU B 176 9.55 19.30 -12.51
N LEU B 177 10.35 20.14 -13.17
CA LEU B 177 10.39 20.13 -14.63
C LEU B 177 11.29 19.01 -15.12
N HIS B 178 10.78 18.16 -16.01
CA HIS B 178 11.54 16.99 -16.45
C HIS B 178 12.47 17.35 -17.60
N PHE B 179 13.67 17.81 -17.26
CA PHE B 179 14.70 18.13 -18.25
C PHE B 179 15.77 17.05 -18.35
N ALA B 180 15.43 15.80 -18.01
CA ALA B 180 16.42 14.74 -17.93
C ALA B 180 16.01 13.56 -18.83
N HIS B 181 16.90 12.56 -18.87
CA HIS B 181 16.61 11.21 -19.37
C HIS B 181 16.32 11.17 -20.88
N GLY B 182 16.85 12.14 -21.63
CA GLY B 182 16.76 12.10 -23.07
C GLY B 182 15.43 12.52 -23.67
N TYR B 183 14.51 13.03 -22.86
CA TYR B 183 13.22 13.51 -23.35
C TYR B 183 13.41 14.93 -23.91
N LEU B 184 12.33 15.70 -24.10
CA LEU B 184 12.43 16.92 -24.92
C LEU B 184 13.49 17.88 -24.36
N GLY B 185 13.40 18.19 -23.06
CA GLY B 185 14.32 19.18 -22.50
C GLY B 185 15.77 18.76 -22.58
N GLN B 186 16.07 17.51 -22.18
CA GLN B 186 17.44 17.04 -22.28
C GLN B 186 17.94 17.08 -23.72
N SER B 187 17.06 16.76 -24.68
CA SER B 187 17.50 16.65 -26.06
C SER B 187 17.81 18.01 -26.66
N PHE B 188 17.19 19.09 -26.15
CA PHE B 188 17.63 20.43 -26.56
C PHE B 188 19.02 20.72 -26.05
N PHE B 189 19.37 20.23 -24.86
CA PHE B 189 20.68 20.60 -24.32
C PHE B 189 21.82 19.85 -25.01
N SER B 190 21.60 18.59 -25.36
CA SER B 190 22.70 17.74 -25.83
C SER B 190 23.03 18.01 -27.29
N GLU B 191 24.33 18.15 -27.59
CA GLU B 191 24.75 18.24 -28.97
C GLU B 191 24.51 16.95 -29.75
N HIS B 192 24.26 15.82 -29.07
CA HIS B 192 23.96 14.59 -29.79
C HIS B 192 22.67 14.71 -30.57
N SER B 193 21.66 15.32 -29.96
CA SER B 193 20.32 15.36 -30.50
C SER B 193 19.93 16.72 -31.07
N ASN B 194 20.67 17.77 -30.73
CA ASN B 194 20.34 19.12 -31.14
C ASN B 194 21.36 19.54 -32.19
N LYS B 195 20.93 19.56 -33.45
CA LYS B 195 21.71 20.10 -34.56
C LYS B 195 21.08 21.36 -35.15
N ARG B 196 20.29 22.08 -34.36
CA ARG B 196 19.63 23.28 -34.88
C ARG B 196 20.64 24.36 -35.23
N THR B 197 20.25 25.22 -36.16
CA THR B 197 21.09 26.34 -36.59
C THR B 197 20.46 27.69 -36.25
N ASP B 198 19.40 27.70 -35.44
CA ASP B 198 18.76 28.93 -35.04
C ASP B 198 19.14 29.25 -33.59
N ALA B 199 18.32 30.06 -32.93
CA ALA B 199 18.65 30.52 -31.59
C ALA B 199 18.64 29.41 -30.55
N TYR B 200 18.20 28.21 -30.93
CA TYR B 200 18.01 27.12 -29.96
C TYR B 200 18.99 25.98 -30.16
N GLY B 201 20.04 26.19 -30.96
CA GLY B 201 21.05 25.17 -31.11
C GLY B 201 22.39 25.79 -31.42
N GLY B 202 23.43 24.95 -31.35
CA GLY B 202 24.78 25.41 -31.57
C GLY B 202 25.53 25.68 -30.27
N SER B 203 25.58 26.95 -29.88
CA SER B 203 26.35 27.36 -28.73
C SER B 203 25.73 26.83 -27.43
N PHE B 204 26.52 26.92 -26.35
CA PHE B 204 26.01 26.60 -25.03
C PHE B 204 24.79 27.46 -24.69
N ASP B 205 24.89 28.77 -24.91
CA ASP B 205 23.75 29.66 -24.66
C ASP B 205 22.52 29.20 -25.43
N ASN B 206 22.71 28.82 -26.69
CA ASN B 206 21.58 28.46 -27.53
C ASN B 206 20.98 27.13 -27.10
N ARG B 207 21.82 26.13 -26.83
CA ARG B 207 21.32 24.84 -26.37
C ARG B 207 20.63 24.95 -25.02
N SER B 208 21.07 25.87 -24.16
CA SER B 208 20.43 26.10 -22.87
C SER B 208 19.10 26.84 -22.99
N ARG B 209 18.86 27.50 -24.13
CA ARG B 209 17.80 28.51 -24.20
C ARG B 209 16.41 27.90 -23.96
N PHE B 210 16.13 26.73 -24.54
CA PHE B 210 14.80 26.16 -24.35
C PHE B 210 14.53 25.87 -22.89
N LEU B 211 15.55 25.38 -22.18
CA LEU B 211 15.36 25.01 -20.78
C LEU B 211 15.23 26.26 -19.92
N LEU B 212 16.07 27.26 -20.14
CA LEU B 212 15.97 28.49 -19.36
C LEU B 212 14.66 29.24 -19.65
N GLU B 213 14.22 29.26 -20.91
CA GLU B 213 12.98 29.96 -21.23
C GLU B 213 11.76 29.25 -20.65
N THR B 214 11.77 27.92 -20.69
CA THR B 214 10.67 27.16 -20.09
C THR B 214 10.63 27.39 -18.58
N LEU B 215 11.79 27.31 -17.93
CA LEU B 215 11.86 27.60 -16.50
C LEU B 215 11.32 28.99 -16.19
N ALA B 216 11.71 29.99 -16.99
CA ALA B 216 11.28 31.36 -16.69
C ALA B 216 9.78 31.53 -16.93
N ALA B 217 9.26 30.87 -17.96
CA ALA B 217 7.82 30.93 -18.22
C ALA B 217 7.03 30.26 -17.10
N VAL B 218 7.51 29.12 -16.61
CA VAL B 218 6.83 28.44 -15.50
C VAL B 218 6.93 29.27 -14.24
N ARG B 219 8.08 29.90 -14.01
CA ARG B 219 8.29 30.68 -12.79
C ARG B 219 7.27 31.81 -12.68
N GLU B 220 6.74 32.29 -13.80
CA GLU B 220 5.79 33.40 -13.75
C GLU B 220 4.45 32.98 -13.15
N VAL B 221 4.08 31.70 -13.25
CA VAL B 221 2.79 31.24 -12.73
C VAL B 221 2.93 30.32 -11.51
N TRP B 222 4.10 29.77 -11.26
CA TRP B 222 4.27 28.91 -10.08
C TRP B 222 4.48 29.78 -8.85
N PRO B 223 3.81 29.50 -7.74
CA PRO B 223 3.91 30.39 -6.56
C PRO B 223 5.34 30.49 -6.05
N GLU B 224 5.74 31.72 -5.71
CA GLU B 224 7.10 31.97 -5.23
C GLU B 224 7.40 31.19 -3.94
N ASN B 225 6.38 30.89 -3.14
CA ASN B 225 6.58 30.25 -1.85
C ASN B 225 6.55 28.73 -1.91
N LEU B 226 6.41 28.12 -3.10
CA LEU B 226 6.49 26.67 -3.24
C LEU B 226 7.73 26.28 -4.04
N PRO B 227 8.43 25.21 -3.67
CA PRO B 227 9.66 24.85 -4.37
C PRO B 227 9.44 24.63 -5.86
N LEU B 228 10.30 25.29 -6.64
CA LEU B 228 10.39 25.14 -8.09
C LEU B 228 11.66 24.35 -8.37
N THR B 229 11.53 23.11 -8.88
CA THR B 229 12.70 22.25 -9.08
C THR B 229 12.70 21.72 -10.50
N ALA B 230 13.79 21.04 -10.85
CA ALA B 230 13.93 20.41 -12.15
C ALA B 230 14.81 19.18 -12.02
N ARG B 231 14.61 18.22 -12.90
CA ARG B 231 15.49 17.08 -13.01
C ARG B 231 16.30 17.24 -14.30
N PHE B 232 17.61 16.99 -14.22
CA PHE B 232 18.48 17.27 -15.35
C PHE B 232 19.59 16.24 -15.38
N GLY B 233 19.85 15.69 -16.57
CA GLY B 233 20.95 14.77 -16.74
C GLY B 233 22.23 15.53 -16.94
N VAL B 234 23.19 15.38 -16.01
CA VAL B 234 24.37 16.23 -16.02
C VAL B 234 25.55 15.61 -16.74
N LEU B 235 25.49 14.32 -17.09
CA LEU B 235 26.50 13.70 -17.94
C LEU B 235 25.86 12.49 -18.62
N GLU B 236 26.53 11.98 -19.66
CA GLU B 236 25.99 10.90 -20.46
C GLU B 236 26.76 9.60 -20.36
N TYR B 237 27.98 9.61 -19.81
CA TYR B 237 28.88 8.46 -19.87
C TYR B 237 29.10 8.04 -21.33
N ASP B 238 29.40 9.05 -22.15
CA ASP B 238 29.61 8.92 -23.58
C ASP B 238 31.04 9.29 -23.99
N GLY B 239 31.98 9.25 -23.04
CA GLY B 239 33.34 9.64 -23.34
C GLY B 239 33.58 11.13 -23.39
N ARG B 240 32.58 11.95 -23.06
CA ARG B 240 32.69 13.40 -23.02
C ARG B 240 32.32 13.94 -21.65
N ASP B 241 32.58 13.16 -20.60
CA ASP B 241 31.97 13.44 -19.29
C ASP B 241 32.52 14.72 -18.67
N GLU B 242 33.82 14.97 -18.78
CA GLU B 242 34.37 16.15 -18.10
C GLU B 242 33.82 17.44 -18.71
N GLN B 243 33.84 17.56 -20.04
CA GLN B 243 33.29 18.74 -20.67
C GLN B 243 31.78 18.84 -20.45
N THR B 244 31.08 17.72 -20.53
CA THR B 244 29.61 17.75 -20.38
C THR B 244 29.22 18.14 -18.97
N LEU B 245 29.90 17.59 -17.97
N LEU B 245 29.89 17.56 -17.97
CA LEU B 245 29.58 17.94 -16.59
CA LEU B 245 29.63 17.92 -16.58
C LEU B 245 29.88 19.39 -16.29
C LEU B 245 29.85 19.41 -16.36
N GLU B 246 30.96 19.94 -16.88
CA GLU B 246 31.26 21.35 -16.69
C GLU B 246 30.15 22.23 -17.26
N GLU B 247 29.70 21.92 -18.48
CA GLU B 247 28.58 22.64 -19.07
C GLU B 247 27.32 22.48 -18.24
N SER B 248 27.04 21.24 -17.80
CA SER B 248 25.84 20.98 -17.01
C SER B 248 25.84 21.76 -15.71
N ILE B 249 27.01 21.86 -15.07
CA ILE B 249 27.09 22.61 -13.82
C ILE B 249 26.89 24.10 -14.07
N GLU B 250 27.43 24.61 -15.20
CA GLU B 250 27.16 25.99 -15.53
C GLU B 250 25.67 26.24 -15.75
N LEU B 251 24.98 25.31 -16.41
CA LEU B 251 23.54 25.47 -16.57
C LEU B 251 22.85 25.48 -15.22
N ALA B 252 23.30 24.65 -14.28
CA ALA B 252 22.74 24.68 -12.94
C ALA B 252 22.91 26.06 -12.30
N ARG B 253 24.08 26.70 -12.50
CA ARG B 253 24.23 28.07 -12.00
C ARG B 253 23.17 28.99 -12.60
N ARG B 254 22.90 28.83 -13.90
N ARG B 254 22.89 28.83 -13.89
CA ARG B 254 21.91 29.68 -14.54
CA ARG B 254 21.91 29.70 -14.53
C ARG B 254 20.50 29.35 -14.08
C ARG B 254 20.49 29.36 -14.08
N PHE B 255 20.21 28.08 -13.80
CA PHE B 255 18.93 27.71 -13.19
C PHE B 255 18.76 28.43 -11.86
N LYS B 256 19.79 28.40 -11.02
CA LYS B 256 19.70 29.06 -9.71
C LYS B 256 19.41 30.56 -9.88
N ALA B 257 20.13 31.21 -10.80
CA ALA B 257 19.87 32.62 -11.08
C ALA B 257 18.46 32.84 -11.61
N GLY B 258 17.88 31.81 -12.23
CA GLY B 258 16.51 31.81 -12.70
C GLY B 258 15.48 31.36 -11.70
N GLY B 259 15.85 31.21 -10.43
CA GLY B 259 14.89 30.96 -9.38
C GLY B 259 14.65 29.50 -9.04
N LEU B 260 15.45 28.59 -9.58
CA LEU B 260 15.31 27.19 -9.22
C LEU B 260 15.73 26.98 -7.77
N ASP B 261 14.93 26.19 -7.03
CA ASP B 261 15.18 25.98 -5.62
C ASP B 261 15.97 24.70 -5.31
N LEU B 262 15.88 23.69 -6.17
CA LEU B 262 16.58 22.42 -5.98
C LEU B 262 16.71 21.72 -7.32
N LEU B 263 17.85 21.05 -7.53
CA LEU B 263 18.10 20.27 -8.75
C LEU B 263 18.12 18.78 -8.43
N SER B 264 17.32 18.01 -9.17
CA SER B 264 17.40 16.55 -9.11
C SER B 264 18.43 16.12 -10.15
N VAL B 265 19.55 15.59 -9.69
CA VAL B 265 20.72 15.31 -10.53
C VAL B 265 20.63 13.89 -11.08
N SER B 266 20.69 13.74 -12.40
CA SER B 266 20.51 12.43 -13.02
C SER B 266 21.51 12.27 -14.16
N VAL B 267 21.30 11.19 -14.94
CA VAL B 267 22.08 10.87 -16.13
C VAL B 267 21.26 11.28 -17.35
N GLY B 268 21.94 11.61 -18.45
CA GLY B 268 21.24 12.17 -19.59
C GLY B 268 20.40 11.17 -20.36
N PHE B 269 20.94 9.97 -20.60
CA PHE B 269 20.29 8.94 -21.43
C PHE B 269 19.85 9.48 -22.78
N THR B 270 20.63 10.41 -23.36
CA THR B 270 20.19 11.04 -24.61
C THR B 270 20.36 10.11 -25.80
N ILE B 271 21.36 9.25 -25.76
CA ILE B 271 21.68 8.32 -26.84
C ILE B 271 21.92 6.94 -26.23
N PRO B 272 21.84 5.88 -27.05
CA PRO B 272 22.09 4.53 -26.50
C PRO B 272 23.57 4.16 -26.39
N GLU B 273 24.47 4.87 -27.07
CA GLU B 273 25.88 4.48 -27.16
C GLU B 273 26.66 5.01 -25.95
N THR B 274 26.41 4.39 -24.79
CA THR B 274 27.01 4.85 -23.54
C THR B 274 27.49 3.66 -22.72
N ASN B 275 28.23 3.96 -21.65
N ASN B 275 28.25 3.96 -21.67
CA ASN B 275 28.76 2.96 -20.71
CA ASN B 275 28.71 2.93 -20.73
C ASN B 275 28.55 3.49 -19.29
C ASN B 275 28.53 3.48 -19.32
N ILE B 276 27.32 3.35 -18.80
CA ILE B 276 26.94 3.85 -17.48
C ILE B 276 27.45 2.90 -16.40
N PRO B 277 28.27 3.36 -15.46
CA PRO B 277 28.85 2.48 -14.41
C PRO B 277 27.90 2.28 -13.23
N TRP B 278 26.81 1.58 -13.49
CA TRP B 278 25.81 1.28 -12.46
C TRP B 278 26.46 0.67 -11.23
N GLY B 279 26.05 1.15 -10.06
CA GLY B 279 26.54 0.64 -8.81
C GLY B 279 25.84 1.33 -7.66
N PRO B 280 26.00 0.82 -6.44
CA PRO B 280 25.34 1.43 -5.29
C PRO B 280 25.79 2.86 -5.08
N ALA B 281 24.83 3.78 -5.09
CA ALA B 281 25.06 5.20 -4.82
C ALA B 281 26.09 5.82 -5.78
N PHE B 282 26.18 5.31 -7.02
CA PHE B 282 27.26 5.75 -7.90
C PHE B 282 27.13 7.23 -8.29
N MET B 283 25.94 7.82 -8.20
CA MET B 283 25.75 9.24 -8.49
C MET B 283 26.17 10.15 -7.35
N GLY B 284 26.48 9.60 -6.18
CA GLY B 284 26.81 10.39 -5.02
C GLY B 284 27.85 11.47 -5.28
N PRO B 285 29.01 11.09 -5.81
CA PRO B 285 30.06 12.10 -6.03
C PRO B 285 29.70 13.12 -7.08
N ILE B 286 28.92 12.74 -8.09
CA ILE B 286 28.52 13.71 -9.11
C ILE B 286 27.51 14.70 -8.54
N ALA B 287 26.50 14.21 -7.80
CA ALA B 287 25.59 15.11 -7.13
C ALA B 287 26.32 16.04 -6.17
N GLU B 288 27.31 15.51 -5.45
CA GLU B 288 28.08 16.34 -4.53
C GLU B 288 28.77 17.48 -5.26
N ARG B 289 29.34 17.18 -6.42
CA ARG B 289 30.03 18.23 -7.18
C ARG B 289 29.05 19.29 -7.68
N VAL B 290 27.88 18.87 -8.17
CA VAL B 290 26.90 19.84 -8.63
C VAL B 290 26.46 20.73 -7.47
N ARG B 291 26.19 20.11 -6.31
CA ARG B 291 25.72 20.84 -5.15
C ARG B 291 26.74 21.87 -4.70
N ARG B 292 28.00 21.45 -4.60
CA ARG B 292 29.06 22.33 -4.13
C ARG B 292 29.40 23.42 -5.15
N GLU B 293 29.49 23.05 -6.43
CA GLU B 293 29.96 24.02 -7.42
C GLU B 293 28.86 24.96 -7.88
N ALA B 294 27.62 24.48 -7.96
CA ALA B 294 26.52 25.36 -8.33
C ALA B 294 25.86 26.01 -7.11
N LYS B 295 26.18 25.55 -5.90
CA LYS B 295 25.66 26.11 -4.66
C LYS B 295 24.13 26.10 -4.65
N LEU B 296 23.59 24.90 -4.87
CA LEU B 296 22.17 24.66 -5.02
C LEU B 296 21.86 23.33 -4.35
N PRO B 297 20.75 23.24 -3.59
CA PRO B 297 20.37 21.94 -3.02
C PRO B 297 20.11 20.94 -4.13
N VAL B 298 20.36 19.66 -3.84
CA VAL B 298 20.20 18.60 -4.83
C VAL B 298 19.57 17.37 -4.21
N THR B 299 18.99 16.54 -5.07
CA THR B 299 18.70 15.15 -4.75
C THR B 299 19.24 14.30 -5.89
N SER B 300 19.37 13.00 -5.65
CA SER B 300 19.74 12.08 -6.72
C SER B 300 19.17 10.72 -6.38
N ALA B 301 19.39 9.77 -7.28
CA ALA B 301 18.78 8.45 -7.19
C ALA B 301 19.72 7.45 -7.84
N TRP B 302 19.21 6.26 -8.16
CA TRP B 302 19.92 5.21 -8.87
C TRP B 302 20.89 4.49 -7.95
N GLY B 303 20.36 3.85 -6.92
CA GLY B 303 21.14 3.01 -6.05
C GLY B 303 21.40 3.52 -4.64
N PHE B 304 20.57 4.42 -4.12
CA PHE B 304 20.66 4.85 -2.73
C PHE B 304 19.68 4.11 -1.84
N GLY B 305 18.99 3.10 -2.38
CA GLY B 305 17.89 2.45 -1.70
C GLY B 305 18.22 1.41 -0.64
N THR B 306 19.31 1.62 0.10
CA THR B 306 19.45 0.96 1.37
C THR B 306 19.57 2.02 2.45
N PRO B 307 19.12 1.75 3.67
CA PRO B 307 19.14 2.81 4.69
C PRO B 307 20.53 3.35 4.95
N GLN B 308 21.56 2.49 5.02
CA GLN B 308 22.90 2.98 5.34
C GLN B 308 23.47 3.84 4.22
N LEU B 309 23.21 3.48 2.96
CA LEU B 309 23.71 4.29 1.85
C LEU B 309 23.04 5.67 1.84
N ALA B 310 21.73 5.71 2.08
CA ALA B 310 21.02 6.99 2.15
C ALA B 310 21.57 7.85 3.28
N GLU B 311 21.77 7.25 4.45
CA GLU B 311 22.30 8.00 5.58
C GLU B 311 23.70 8.54 5.28
N ALA B 312 24.56 7.69 4.72
CA ALA B 312 25.93 8.09 4.42
C ALA B 312 25.97 9.25 3.42
N ALA B 313 25.08 9.23 2.42
CA ALA B 313 25.10 10.28 1.41
C ALA B 313 24.77 11.63 2.01
N LEU B 314 23.80 11.68 2.92
CA LEU B 314 23.46 12.91 3.63
C LEU B 314 24.58 13.37 4.54
N GLN B 315 25.14 12.44 5.33
N GLN B 315 25.14 12.44 5.34
CA GLN B 315 26.21 12.82 6.25
CA GLN B 315 26.21 12.82 6.25
C GLN B 315 27.44 13.33 5.51
C GLN B 315 27.43 13.35 5.50
N ALA B 316 27.67 12.87 4.29
CA ALA B 316 28.78 13.33 3.48
C ALA B 316 28.47 14.61 2.72
N ASN B 317 27.31 15.22 2.98
CA ASN B 317 26.86 16.42 2.27
C ASN B 317 26.86 16.23 0.76
N GLN B 318 26.51 15.04 0.27
CA GLN B 318 26.39 14.83 -1.17
C GLN B 318 25.02 15.23 -1.69
N LEU B 319 24.01 15.16 -0.84
CA LEU B 319 22.60 15.34 -1.19
CA LEU B 319 22.69 15.59 -1.26
C LEU B 319 21.90 16.09 -0.07
N ASP B 320 20.79 16.75 -0.37
CA ASP B 320 19.91 17.26 0.66
C ASP B 320 18.71 16.36 0.90
N LEU B 321 18.26 15.68 -0.13
CA LEU B 321 17.22 14.66 -0.04
C LEU B 321 17.69 13.43 -0.78
N VAL B 322 17.32 12.27 -0.28
CA VAL B 322 17.67 11.00 -0.91
C VAL B 322 16.42 10.47 -1.60
N SER B 323 16.48 10.30 -2.92
CA SER B 323 15.34 9.74 -3.65
C SER B 323 15.46 8.22 -3.72
N VAL B 324 14.41 7.53 -3.29
CA VAL B 324 14.40 6.08 -3.18
C VAL B 324 13.19 5.60 -3.98
N GLY B 325 13.45 5.00 -5.14
CA GLY B 325 12.39 4.65 -6.07
C GLY B 325 11.96 3.20 -5.98
N ARG B 326 12.73 2.30 -6.61
CA ARG B 326 12.28 0.91 -6.72
C ARG B 326 12.03 0.26 -5.37
N ALA B 327 12.78 0.66 -4.33
CA ALA B 327 12.55 0.05 -3.02
C ALA B 327 11.16 0.34 -2.49
N HIS B 328 10.54 1.45 -2.93
CA HIS B 328 9.15 1.76 -2.58
C HIS B 328 8.14 1.01 -3.42
N LEU B 329 8.53 0.56 -4.61
CA LEU B 329 7.66 -0.36 -5.35
C LEU B 329 7.64 -1.72 -4.68
N ALA B 330 8.81 -2.17 -4.21
CA ALA B 330 8.88 -3.43 -3.49
C ALA B 330 8.13 -3.37 -2.16
N ASP B 331 8.26 -2.25 -1.43
CA ASP B 331 7.72 -2.10 -0.08
C ASP B 331 7.24 -0.66 0.05
N PRO B 332 5.94 -0.42 -0.05
N PRO B 332 5.93 -0.40 -0.04
CA PRO B 332 5.44 0.97 0.09
CA PRO B 332 5.47 0.99 0.08
C PRO B 332 5.75 1.60 1.44
C PRO B 332 5.72 1.61 1.44
N HIS B 333 6.07 0.80 2.46
CA HIS B 333 6.46 1.29 3.77
C HIS B 333 7.98 1.32 3.96
N TRP B 334 8.73 1.51 2.86
CA TRP B 334 10.19 1.48 2.97
C TRP B 334 10.72 2.49 3.99
N ALA B 335 10.09 3.65 4.11
CA ALA B 335 10.59 4.66 5.06
C ALA B 335 10.56 4.12 6.49
N TYR B 336 9.53 3.33 6.84
CA TYR B 336 9.51 2.66 8.13
C TYR B 336 10.63 1.62 8.25
N PHE B 337 10.85 0.84 7.19
CA PHE B 337 11.96 -0.11 7.20
C PHE B 337 13.28 0.62 7.45
N ALA B 338 13.46 1.78 6.83
CA ALA B 338 14.69 2.54 7.01
C ALA B 338 14.82 3.07 8.43
N ALA B 339 13.71 3.52 9.02
CA ALA B 339 13.76 4.02 10.40
C ALA B 339 14.16 2.90 11.36
N LYS B 340 13.63 1.70 11.17
CA LYS B 340 14.04 0.55 11.98
C LYS B 340 15.52 0.25 11.81
N GLU B 341 15.99 0.20 10.55
CA GLU B 341 17.40 -0.16 10.31
C GLU B 341 18.35 0.83 10.95
N LEU B 342 18.02 2.11 10.89
CA LEU B 342 18.87 3.16 11.43
C LEU B 342 18.62 3.41 12.91
N GLY B 343 17.76 2.62 13.55
CA GLY B 343 17.56 2.74 14.99
C GLY B 343 16.89 4.02 15.42
N VAL B 344 16.00 4.57 14.59
CA VAL B 344 15.26 5.76 14.96
C VAL B 344 14.39 5.48 16.18
N GLU B 345 14.34 6.46 17.09
CA GLU B 345 13.46 6.39 18.24
C GLU B 345 12.01 6.28 17.80
N LYS B 346 11.29 5.31 18.35
CA LYS B 346 9.88 5.09 18.02
C LYS B 346 9.71 4.97 16.50
N ALA B 347 10.50 4.05 15.92
CA ALA B 347 10.53 3.91 14.47
C ALA B 347 9.18 3.53 13.89
N SER B 348 8.36 2.76 14.62
CA SER B 348 7.07 2.34 14.07
CA SER B 348 7.07 2.34 14.08
C SER B 348 6.15 3.53 13.82
N TRP B 349 6.33 4.63 14.56
CA TRP B 349 5.49 5.81 14.39
C TRP B 349 5.89 6.65 13.18
N THR B 350 6.84 6.14 12.38
CA THR B 350 6.95 6.54 10.98
C THR B 350 5.64 6.29 10.23
N LEU B 351 4.88 5.27 10.66
CA LEU B 351 3.60 4.87 10.09
C LEU B 351 2.44 5.46 10.88
N PRO B 352 1.25 5.51 10.29
CA PRO B 352 0.08 5.97 11.06
C PRO B 352 -0.26 5.00 12.18
N ALA B 353 -1.01 5.52 13.15
CA ALA B 353 -1.33 4.76 14.37
C ALA B 353 -1.90 3.37 14.15
N PRO B 354 -2.81 3.10 13.20
CA PRO B 354 -3.35 1.73 13.06
C PRO B 354 -2.31 0.69 12.71
N TYR B 355 -1.13 1.12 12.27
CA TYR B 355 0.02 0.24 12.09
C TYR B 355 1.05 0.41 13.20
N ALA B 356 1.36 1.66 13.55
CA ALA B 356 2.44 1.96 14.49
C ALA B 356 2.22 1.33 15.85
N HIS B 357 0.98 1.35 16.33
CA HIS B 357 0.71 0.87 17.68
C HIS B 357 1.13 -0.58 17.84
N TRP B 358 0.95 -1.39 16.81
CA TRP B 358 1.16 -2.82 16.88
C TRP B 358 2.60 -3.22 16.57
N LEU B 359 3.27 -2.43 15.74
CA LEU B 359 4.64 -2.71 15.36
C LEU B 359 5.63 -2.19 16.38
N GLU B 360 5.18 -1.32 17.28
CA GLU B 360 6.01 -0.92 18.41
C GLU B 360 6.25 -2.11 19.33
N ARG B 361 5.21 -2.90 19.57
CA ARG B 361 5.24 -4.01 20.52
C ARG B 361 5.51 -5.35 19.84
N1 FMN C . -8.36 -11.04 15.06
C2 FMN C . -9.67 -11.23 14.66
O2 FMN C . -10.17 -12.37 14.71
N3 FMN C . -10.42 -10.16 14.21
C4 FMN C . -9.89 -8.88 14.15
O4 FMN C . -10.56 -7.93 13.71
C4A FMN C . -8.57 -8.70 14.57
N5 FMN C . -8.01 -7.45 14.53
C5A FMN C . -6.67 -7.31 14.78
C6 FMN C . -6.10 -6.06 14.56
C7 FMN C . -4.74 -5.86 14.74
C7M FMN C . -4.18 -4.50 14.46
C8 FMN C . -3.96 -6.94 15.15
C8M FMN C . -2.48 -6.75 15.34
C9 FMN C . -4.54 -8.19 15.37
C9A FMN C . -5.91 -8.39 15.19
N10 FMN C . -6.49 -9.63 15.39
C10 FMN C . -7.81 -9.79 15.01
C1' FMN C . -5.62 -10.88 15.39
C2' FMN C . -4.96 -11.19 14.03
O2' FMN C . -5.93 -11.65 13.12
C3' FMN C . -3.87 -12.24 14.13
O3' FMN C . -4.36 -13.42 14.74
C4' FMN C . -2.67 -11.71 14.92
O4' FMN C . -2.22 -10.51 14.36
C5' FMN C . -1.53 -12.73 14.99
O5' FMN C . -0.96 -12.98 13.73
P FMN C . 0.46 -12.29 13.34
O1P FMN C . 0.76 -12.72 11.93
O2P FMN C . 0.29 -10.80 13.48
O3P FMN C . 1.52 -12.81 14.29
N1 O8I D . -8.06 -7.54 18.27
C4 O8I D . -7.73 -10.02 18.86
C5 O8I D . -12.14 -8.50 16.84
C6 O8I D . -7.09 -11.23 20.77
C7 O8I D . -7.02 -10.89 22.25
C1 O8I D . -10.76 -8.02 17.26
C2 O8I D . -9.90 -9.20 17.66
C3 O8I D . -8.55 -8.90 18.25
O1 O8I D . -8.03 -10.38 20.18
O2 O8I D . -10.28 -10.32 17.52
O3 O8I D . -6.88 -10.59 18.25
O4 O8I D . -6.80 -7.52 18.88
C1 PEG E . 3.16 -34.02 10.04
O1 PEG E . 2.56 -35.08 9.31
C2 PEG E . 2.60 -33.91 11.43
O2 PEG E . 2.25 -32.55 11.69
C3 PEG E . 3.11 -31.89 12.62
C4 PEG E . 2.43 -31.81 13.95
O4 PEG E . 2.77 -30.60 14.63
N1 O8I F . -13.54 -17.06 35.66
C4 O8I F . -11.69 -16.50 37.39
C5 O8I F . -13.80 -12.76 34.73
C6 O8I F . -9.36 -16.55 37.53
C7 O8I F . -8.29 -17.59 37.82
C1 O8I F . -13.95 -13.84 35.79
C2 O8I F . -12.65 -14.64 35.82
C3 O8I F . -12.65 -16.09 36.27
O1 O8I F . -10.51 -17.19 37.07
O2 O8I F . -11.65 -14.12 35.48
O3 O8I F . -11.95 -16.23 38.51
O4 O8I F . -13.35 -18.32 36.25
CL CL G . -8.35 -0.67 -7.04
C1 PEG H . -8.15 -9.07 26.39
O1 PEG H . -8.81 -8.59 25.24
C2 PEG H . -7.20 -10.18 26.06
O2 PEG H . -6.45 -10.51 27.21
C3 PEG H . -6.03 -9.39 27.98
C4 PEG H . -5.84 -9.78 29.41
O4 PEG H . -5.32 -8.71 30.18
C1 MPD I . -7.61 10.64 6.45
C2 MPD I . -7.26 9.17 6.29
O2 MPD I . -7.40 8.50 7.57
CM MPD I . -8.23 8.51 5.31
C3 MPD I . -5.83 9.00 5.78
C4 MPD I . -4.80 9.32 6.87
O4 MPD I . -5.17 8.67 8.07
C5 MPD I . -3.43 8.84 6.43
C1 MPD J . -8.08 -2.33 -11.98
C2 MPD J . -7.10 -1.51 -11.15
O2 MPD J . -6.03 -1.03 -12.01
CM MPD J . -7.81 -0.30 -10.56
C3 MPD J . -6.51 -2.33 -10.01
C4 MPD J . -5.70 -3.54 -10.47
O4 MPD J . -4.83 -3.20 -11.53
C5 MPD J . -4.88 -4.05 -9.29
N1 FMN K . 12.35 9.14 -13.64
C2 FMN K . 11.75 10.34 -13.94
O2 FMN K . 12.43 11.37 -13.93
N3 FMN K . 10.40 10.37 -14.23
C4 FMN K . 9.65 9.22 -14.26
O4 FMN K . 8.43 9.27 -14.51
C4A FMN K . 10.27 8.01 -13.98
N5 FMN K . 9.53 6.85 -14.00
C5A FMN K . 10.13 5.69 -13.56
C6 FMN K . 9.32 4.56 -13.43
C7 FMN K . 9.84 3.39 -12.93
C7M FMN K . 8.95 2.19 -12.80
C8 FMN K . 11.19 3.33 -12.58
C8M FMN K . 11.74 2.04 -12.05
C9 FMN K . 11.99 4.45 -12.70
C9A FMN K . 11.47 5.65 -13.19
N10 FMN K . 12.27 6.78 -13.32
C10 FMN K . 11.62 7.98 -13.64
C1' FMN K . 13.55 6.87 -12.53
C2' FMN K . 13.35 6.95 -11.00
O2' FMN K . 12.84 8.20 -10.62
C3' FMN K . 14.68 6.73 -10.27
O3' FMN K . 15.66 7.65 -10.72
C4' FMN K . 15.21 5.32 -10.50
O4' FMN K . 14.21 4.38 -10.13
C5' FMN K . 16.50 5.09 -9.71
O5' FMN K . 16.29 5.12 -8.31
P FMN K . 16.19 3.75 -7.45
O1P FMN K . 15.08 2.89 -8.03
O2P FMN K . 15.89 4.16 -6.03
O3P FMN K . 17.51 3.01 -7.51
N1 O8I L . 11.44 5.85 -16.94
C4 O8I L . 13.76 6.94 -16.73
C5 O8I L . 9.70 9.83 -17.80
C6 O8I L . 15.91 6.88 -17.70
C7 O8I L . 16.30 5.50 -18.23
C1 O8I L . 10.13 8.41 -17.44
C2 O8I L . 11.59 8.41 -17.03
C3 O8I L . 12.26 7.05 -16.89
O1 O8I L . 14.54 7.07 -17.89
O2 O8I L . 12.18 9.43 -16.84
O3 O8I L . 14.25 6.77 -15.66
O4 O8I L . 12.24 4.70 -16.80
CL CL M . 9.25 10.61 9.58
C1 PEG N . 20.63 1.27 -24.05
O1 PEG N . 21.82 2.02 -23.83
C2 PEG N . 19.51 2.12 -24.58
O2 PEG N . 19.17 3.12 -23.62
C3 PEG N . 17.77 3.27 -23.46
C4 PEG N . 17.47 4.55 -22.74
O4 PEG N . 16.19 5.04 -23.07
O1 PG4 O . 0.66 4.18 -35.09
C1 PG4 O . 1.38 5.06 -35.95
C2 PG4 O . 2.74 5.36 -35.40
O2 PG4 O . 3.48 6.14 -36.32
C3 PG4 O . 2.86 7.38 -36.61
C4 PG4 O . 3.89 8.38 -36.99
O3 PG4 O . 5.15 7.94 -36.50
C5 PG4 O . 6.00 7.77 -37.62
C6 PG4 O . 7.22 7.03 -37.18
O4 PG4 O . 8.20 7.06 -38.20
C7 PG4 O . 8.81 8.35 -38.16
C8 PG4 O . 10.03 8.31 -39.03
O5 PG4 O . 10.82 7.19 -38.67
#